data_7F9B
#
_entry.id   7F9B
#
_cell.length_a   70.730
_cell.length_b   90.960
_cell.length_c   83.490
_cell.angle_alpha   90.000
_cell.angle_beta   110.030
_cell.angle_gamma   90.000
#
_symmetry.space_group_name_H-M   'P 1 21 1'
#
loop_
_entity.id
_entity.type
_entity.pdbx_description
1 polymer 'Bifunctional glutamate/proline--tRNA ligase'
2 non-polymer ~{N}-[4-[(3~{S})-3-cyano-3-cyclopropyl-2-oxidanylidene-pyrrolidin-1-yl]-6-methyl-pyridin-2-yl]-2-phenyl-ethanamide
3 non-polymer 'ZINC ION'
4 non-polymer 'CALCIUM ION'
5 non-polymer 'CHLORIDE ION'
6 non-polymer PROLINE
7 water water
#
_entity_poly.entity_id   1
_entity_poly.type   'polypeptide(L)'
_entity_poly.pdbx_seq_one_letter_code
;PKKQTRLGLEAKKEENLADWYSQVITKSEMIEYHDISGCYILRPWAYAIWEAIKDFFDAEIKKLGVENCYFPMFVSQSAL
EKEKTHVADFAPEVAWVTRSGKTELAEPIAIRPTSETVMYPAYAKWVQSHRDLPIKLNQWCNVVRWEFKHPQPFLRTREF
LWQEGHSAFATMEEAAEEVLQILDLYAQVYEELLAIPVVKGRKTEKEKFAGGDYTTTIEAFISASGRAIQGGTSHHLGQN
FSKMFEIVFEDPKIPGEKQFAYQNSWGLTTRTIGVMTMVHGDNMGLVLPPRVACVQVVIIPCGITNALSEEDKEALIAKC
NDYRRRLLSVNIRVRADLRDNYSPGWKFNHWELKGVPIRLEVGPRDMKSCQFVAVRRDTGEKLTVAENEAETKLQAILED
IQVTLFTRASEDLKTHMVVANTMEDFQKILDSGKIVQIPFCGEIDCEDWIKKTTARDQDLEPGAPSMGAKSLCIPFKPLC
ELQPGAKCVCGKNPAKYYTLFGRSY
;
_entity_poly.pdbx_strand_id   A,B
#
# COMPACT_ATOMS: atom_id res chain seq x y z
N GLY A 8 -27.54 -17.93 3.06
CA GLY A 8 -27.46 -18.95 2.02
C GLY A 8 -27.48 -18.43 0.59
N LEU A 9 -26.67 -19.07 -0.25
CA LEU A 9 -26.62 -18.71 -1.68
C LEU A 9 -27.94 -19.06 -2.34
N GLU A 10 -28.37 -18.20 -3.28
CA GLU A 10 -29.70 -18.36 -3.87
C GLU A 10 -29.71 -18.09 -5.38
N ALA A 11 -28.57 -18.27 -6.05
CA ALA A 11 -28.52 -18.22 -7.50
C ALA A 11 -27.52 -19.26 -7.98
N LYS A 12 -27.78 -19.80 -9.16
CA LYS A 12 -27.00 -20.91 -9.71
C LYS A 12 -26.01 -20.40 -10.74
N LYS A 13 -24.76 -20.86 -10.63
CA LYS A 13 -23.68 -20.38 -11.48
C LYS A 13 -23.91 -20.72 -12.95
N GLU A 14 -24.60 -21.83 -13.23
CA GLU A 14 -24.86 -22.27 -14.59
C GLU A 14 -26.18 -21.75 -15.14
N GLU A 15 -26.97 -21.03 -14.36
CA GLU A 15 -28.21 -20.42 -14.82
C GLU A 15 -27.96 -18.95 -15.16
N ASN A 16 -27.92 -18.09 -14.13
CA ASN A 16 -27.67 -16.65 -14.28
C ASN A 16 -26.34 -16.33 -13.60
N LEU A 17 -25.29 -16.21 -14.41
CA LEU A 17 -23.93 -16.07 -13.87
C LEU A 17 -23.76 -14.75 -13.12
N ALA A 18 -24.28 -13.64 -13.66
CA ALA A 18 -24.10 -12.36 -12.99
C ALA A 18 -24.75 -12.34 -11.61
N ASP A 19 -25.97 -12.86 -11.51
CA ASP A 19 -26.67 -12.91 -10.23
C ASP A 19 -25.89 -13.75 -9.21
N TRP A 20 -25.36 -14.89 -9.65
CA TRP A 20 -24.51 -15.72 -8.80
C TRP A 20 -23.27 -14.97 -8.35
N TYR A 21 -22.58 -14.31 -9.28
CA TYR A 21 -21.37 -13.57 -8.94
C TYR A 21 -21.66 -12.55 -7.86
N SER A 22 -22.69 -11.72 -8.07
CA SER A 22 -23.10 -10.73 -7.07
C SER A 22 -23.35 -11.38 -5.72
N GLN A 23 -24.13 -12.47 -5.72
CA GLN A 23 -24.45 -13.18 -4.49
C GLN A 23 -23.19 -13.66 -3.78
N VAL A 24 -22.29 -14.31 -4.52
CA VAL A 24 -21.10 -14.89 -3.91
C VAL A 24 -20.21 -13.80 -3.34
N ILE A 25 -20.00 -12.70 -4.08
CA ILE A 25 -19.04 -11.72 -3.56
C ILE A 25 -19.63 -10.95 -2.39
N THR A 26 -20.96 -10.83 -2.30
CA THR A 26 -21.47 -10.11 -1.14
C THR A 26 -21.73 -11.00 0.07
N LYS A 27 -22.15 -12.25 -0.15
CA LYS A 27 -22.43 -13.11 1.00
C LYS A 27 -21.15 -13.70 1.58
N SER A 28 -20.06 -13.76 0.81
CA SER A 28 -18.79 -14.06 1.43
C SER A 28 -18.21 -12.86 2.20
N GLU A 29 -18.87 -11.71 2.18
CA GLU A 29 -18.35 -10.48 2.80
C GLU A 29 -17.04 -10.04 2.14
N MET A 30 -16.90 -10.31 0.85
CA MET A 30 -15.73 -9.82 0.12
C MET A 30 -15.94 -8.39 -0.40
N ILE A 31 -17.12 -8.10 -0.94
CA ILE A 31 -17.40 -6.83 -1.63
C ILE A 31 -18.57 -6.13 -0.96
N GLU A 32 -18.49 -4.81 -0.83
CA GLU A 32 -19.68 -4.01 -0.59
C GLU A 32 -19.88 -2.99 -1.71
N TYR A 33 -21.14 -2.65 -1.99
CA TYR A 33 -21.46 -1.65 -2.99
C TYR A 33 -21.35 -0.24 -2.41
N HIS A 34 -20.72 0.65 -3.16
CA HIS A 34 -20.56 2.05 -2.77
C HIS A 34 -21.74 2.88 -3.27
N ASP A 35 -21.86 4.10 -2.73
CA ASP A 35 -22.85 5.06 -3.21
C ASP A 35 -22.76 5.23 -4.73
N ILE A 36 -21.58 5.43 -5.25
CA ILE A 36 -21.36 5.61 -6.68
C ILE A 36 -21.31 4.25 -7.35
N SER A 37 -21.76 4.19 -8.61
CA SER A 37 -21.77 2.94 -9.37
C SER A 37 -20.43 2.74 -10.07
N GLY A 38 -19.90 1.53 -9.97
CA GLY A 38 -18.63 1.19 -10.56
C GLY A 38 -17.48 1.26 -9.61
N CYS A 39 -17.82 1.70 -8.41
CA CYS A 39 -16.91 1.83 -7.28
C CYS A 39 -17.38 0.84 -6.23
N TYR A 40 -16.47 -0.01 -5.79
CA TYR A 40 -16.75 -1.06 -4.85
C TYR A 40 -15.80 -1.02 -3.66
N ILE A 41 -16.21 -1.58 -2.56
CA ILE A 41 -15.45 -1.63 -1.32
C ILE A 41 -14.87 -3.03 -1.20
N LEU A 42 -13.54 -3.11 -1.01
CA LEU A 42 -12.88 -4.37 -0.66
C LEU A 42 -12.90 -4.55 0.84
N ARG A 43 -13.81 -5.40 1.31
CA ARG A 43 -13.88 -5.76 2.72
C ARG A 43 -12.67 -6.61 3.07
N PRO A 44 -12.39 -6.83 4.36
CA PRO A 44 -11.13 -7.53 4.72
C PRO A 44 -10.97 -8.93 4.15
N TRP A 45 -12.06 -9.65 3.91
CA TRP A 45 -11.92 -11.01 3.38
C TRP A 45 -11.30 -10.99 1.99
N ALA A 46 -11.65 -9.99 1.17
CA ALA A 46 -11.03 -9.84 -0.14
C ALA A 46 -9.62 -9.28 -0.02
N TYR A 47 -9.49 -8.20 0.76
CA TYR A 47 -8.21 -7.52 0.87
C TYR A 47 -7.12 -8.45 1.40
N ALA A 48 -7.48 -9.47 2.20
CA ALA A 48 -6.45 -10.38 2.68
C ALA A 48 -5.89 -11.23 1.54
N ILE A 49 -6.71 -11.53 0.53
CA ILE A 49 -6.19 -12.25 -0.63
C ILE A 49 -5.21 -11.37 -1.39
N TRP A 50 -5.56 -10.08 -1.51
CA TRP A 50 -4.66 -9.15 -2.17
C TRP A 50 -3.34 -9.04 -1.41
N GLU A 51 -3.39 -9.01 -0.07
CA GLU A 51 -2.18 -8.94 0.75
C GLU A 51 -1.30 -10.19 0.59
N ALA A 52 -1.91 -11.37 0.49
CA ALA A 52 -1.13 -12.58 0.21
C ALA A 52 -0.39 -12.48 -1.13
N ILE A 53 -1.10 -12.04 -2.17
CA ILE A 53 -0.46 -11.87 -3.47
C ILE A 53 0.70 -10.89 -3.36
N LYS A 54 0.48 -9.78 -2.64
CA LYS A 54 1.49 -8.73 -2.51
C LYS A 54 2.73 -9.24 -1.80
N ASP A 55 2.56 -9.99 -0.71
CA ASP A 55 3.69 -10.57 0.00
C ASP A 55 4.56 -11.37 -0.96
N PHE A 56 3.93 -12.31 -1.68
CA PHE A 56 4.67 -13.13 -2.62
C PHE A 56 5.37 -12.28 -3.68
N PHE A 57 4.59 -11.48 -4.41
CA PHE A 57 5.12 -10.82 -5.60
C PHE A 57 6.15 -9.77 -5.23
N ASP A 58 5.96 -9.09 -4.10
CA ASP A 58 6.88 -8.07 -3.65
C ASP A 58 8.23 -8.69 -3.29
N ALA A 59 8.24 -9.82 -2.57
CA ALA A 59 9.51 -10.48 -2.30
C ALA A 59 10.21 -10.90 -3.60
N GLU A 60 9.44 -11.45 -4.56
CA GLU A 60 10.06 -11.90 -5.81
C GLU A 60 10.67 -10.74 -6.60
N ILE A 61 9.96 -9.60 -6.69
CA ILE A 61 10.55 -8.54 -7.49
C ILE A 61 11.73 -7.91 -6.76
N LYS A 62 11.74 -7.92 -5.42
CA LYS A 62 12.92 -7.48 -4.68
C LYS A 62 14.13 -8.34 -5.02
N LYS A 63 13.91 -9.65 -5.21
CA LYS A 63 15.02 -10.49 -5.68
C LYS A 63 15.59 -10.03 -7.02
N LEU A 64 14.77 -9.41 -7.88
CA LEU A 64 15.24 -8.93 -9.18
C LEU A 64 15.90 -7.56 -9.12
N GLY A 65 15.98 -6.94 -7.96
CA GLY A 65 16.55 -5.61 -7.86
C GLY A 65 15.57 -4.46 -7.94
N VAL A 66 14.26 -4.74 -7.93
CA VAL A 66 13.29 -3.67 -8.03
C VAL A 66 13.03 -3.06 -6.65
N GLU A 67 12.71 -1.76 -6.62
CA GLU A 67 12.51 -1.00 -5.39
C GLU A 67 11.15 -0.30 -5.42
N ASN A 68 10.49 -0.22 -4.27
CA ASN A 68 9.18 0.42 -4.15
C ASN A 68 9.34 1.93 -3.96
N CYS A 69 8.37 2.68 -4.47
CA CYS A 69 8.40 4.12 -4.36
C CYS A 69 6.96 4.56 -4.35
N TYR A 70 6.72 5.87 -4.41
CA TYR A 70 5.36 6.35 -4.59
C TYR A 70 5.38 7.66 -5.37
N PHE A 71 4.69 7.67 -6.50
CA PHE A 71 4.58 8.84 -7.37
C PHE A 71 3.21 9.45 -7.24
N PRO A 72 3.12 10.75 -7.54
CA PRO A 72 1.85 11.46 -7.39
C PRO A 72 0.75 10.83 -8.22
N MET A 73 -0.47 11.02 -7.74
CA MET A 73 -1.67 10.53 -8.42
C MET A 73 -2.12 11.43 -9.55
N PHE A 74 -1.62 12.66 -9.60
CA PHE A 74 -2.02 13.62 -10.60
C PHE A 74 -0.93 13.80 -11.65
N VAL A 75 -1.35 13.92 -12.91
CA VAL A 75 -0.45 14.20 -14.01
C VAL A 75 -0.91 15.50 -14.66
N SER A 76 0.06 16.32 -15.08
CA SER A 76 -0.22 17.55 -15.79
C SER A 76 -0.69 17.28 -17.22
N GLN A 77 -1.35 18.27 -17.81
CA GLN A 77 -1.78 18.16 -19.20
CA GLN A 77 -1.78 18.13 -19.19
C GLN A 77 -0.60 17.94 -20.14
N SER A 78 0.50 18.68 -19.93
CA SER A 78 1.63 18.62 -20.86
C SER A 78 2.29 17.24 -20.84
N ALA A 79 2.55 16.72 -19.66
CA ALA A 79 3.14 15.39 -19.55
C ALA A 79 2.24 14.33 -20.17
N LEU A 80 0.93 14.42 -19.93
CA LEU A 80 0.03 13.35 -20.36
C LEU A 80 0.03 13.23 -21.87
N GLU A 81 0.28 14.33 -22.58
CA GLU A 81 0.15 14.42 -24.01
C GLU A 81 1.43 14.08 -24.77
N LYS A 82 2.56 13.87 -24.07
CA LYS A 82 3.85 13.84 -24.74
C LYS A 82 4.01 12.66 -25.70
N GLU A 83 3.33 11.53 -25.43
CA GLU A 83 3.46 10.32 -26.25
C GLU A 83 2.11 10.08 -26.93
N LYS A 84 2.04 10.44 -28.23
CA LYS A 84 0.76 10.60 -28.91
C LYS A 84 -0.09 9.33 -28.88
N THR A 85 0.50 8.17 -29.11
CA THR A 85 -0.30 6.94 -29.20
C THR A 85 -0.88 6.58 -27.84
N HIS A 86 -0.03 6.60 -26.81
CA HIS A 86 -0.48 6.36 -25.44
C HIS A 86 -1.65 7.27 -25.08
N VAL A 87 -1.47 8.58 -25.30
CA VAL A 87 -2.49 9.54 -24.87
C VAL A 87 -3.76 9.37 -25.70
N ALA A 88 -3.62 9.06 -27.00
CA ALA A 88 -4.79 8.87 -27.83
C ALA A 88 -5.60 7.66 -27.39
N ASP A 89 -4.93 6.68 -26.79
CA ASP A 89 -5.63 5.49 -26.30
C ASP A 89 -6.32 5.76 -24.95
N PHE A 90 -5.68 6.54 -24.08
CA PHE A 90 -6.19 6.68 -22.73
C PHE A 90 -7.07 7.92 -22.51
N ALA A 91 -6.96 8.93 -23.37
CA ALA A 91 -7.64 10.21 -23.14
C ALA A 91 -9.13 10.07 -22.86
N PRO A 92 -9.91 9.31 -23.65
CA PRO A 92 -11.36 9.19 -23.37
C PRO A 92 -11.73 8.84 -21.94
N GLU A 93 -10.91 8.06 -21.22
CA GLU A 93 -11.29 7.58 -19.90
C GLU A 93 -10.48 8.21 -18.77
N VAL A 94 -9.75 9.29 -19.04
CA VAL A 94 -8.98 9.95 -17.99
C VAL A 94 -9.90 10.88 -17.20
N ALA A 95 -9.86 10.79 -15.88
CA ALA A 95 -10.67 11.66 -15.03
C ALA A 95 -9.92 12.96 -14.71
N TRP A 96 -10.60 14.10 -14.83
CA TRP A 96 -9.99 15.41 -14.65
C TRP A 96 -10.54 16.12 -13.42
N VAL A 97 -9.63 16.57 -12.53
CA VAL A 97 -9.96 17.48 -11.43
C VAL A 97 -9.83 18.91 -11.91
N THR A 98 -10.86 19.72 -11.67
CA THR A 98 -10.90 21.09 -12.17
C THR A 98 -11.08 22.14 -11.10
N ARG A 99 -11.40 21.74 -9.87
CA ARG A 99 -11.52 22.70 -8.79
C ARG A 99 -11.25 22.04 -7.46
N SER A 100 -10.86 22.88 -6.51
CA SER A 100 -10.82 22.48 -5.11
C SER A 100 -11.82 23.39 -4.42
N GLY A 101 -12.72 22.81 -3.65
CA GLY A 101 -13.87 23.58 -3.20
C GLY A 101 -14.60 24.23 -4.37
N LYS A 102 -15.02 25.50 -4.19
CA LYS A 102 -15.55 26.31 -5.30
C LYS A 102 -14.45 26.91 -6.18
N THR A 103 -13.20 26.91 -5.75
CA THR A 103 -12.11 27.58 -6.47
C THR A 103 -11.63 26.74 -7.64
N GLU A 104 -11.76 27.26 -8.86
CA GLU A 104 -11.21 26.53 -10.01
C GLU A 104 -9.69 26.48 -9.92
N LEU A 105 -9.13 25.36 -10.38
CA LEU A 105 -7.68 25.22 -10.34
C LEU A 105 -7.04 26.10 -11.41
N ALA A 106 -5.75 26.36 -11.24
CA ALA A 106 -5.02 27.12 -12.25
C ALA A 106 -5.10 26.43 -13.60
N GLU A 107 -4.89 25.12 -13.61
CA GLU A 107 -5.03 24.29 -14.82
C GLU A 107 -5.66 22.97 -14.38
N PRO A 108 -6.56 22.39 -15.17
CA PRO A 108 -7.03 21.03 -14.87
C PRO A 108 -5.87 20.04 -14.75
N ILE A 109 -6.04 19.07 -13.84
CA ILE A 109 -5.04 18.03 -13.61
C ILE A 109 -5.75 16.70 -13.73
N ALA A 110 -5.01 15.68 -14.16
CA ALA A 110 -5.60 14.38 -14.47
C ALA A 110 -5.24 13.36 -13.41
N ILE A 111 -6.19 12.52 -13.04
CA ILE A 111 -5.90 11.36 -12.22
C ILE A 111 -5.28 10.27 -13.11
N ARG A 112 -4.20 9.71 -12.65
CA ARG A 112 -3.50 8.70 -13.35
C ARG A 112 -4.31 7.48 -13.76
N PRO A 113 -4.28 7.17 -15.03
CA PRO A 113 -4.85 5.92 -15.53
C PRO A 113 -3.84 4.80 -15.54
N THR A 114 -2.60 5.20 -15.58
CA THR A 114 -1.37 4.46 -15.59
C THR A 114 -0.26 5.49 -15.34
N SER A 115 0.85 5.07 -14.73
CA SER A 115 1.93 5.99 -14.33
C SER A 115 3.11 6.30 -15.26
N GLU A 116 3.03 5.94 -16.54
CA GLU A 116 4.13 6.25 -17.46
C GLU A 116 4.43 7.75 -17.48
N THR A 117 3.41 8.56 -17.70
CA THR A 117 3.61 9.99 -17.90
C THR A 117 3.83 10.78 -16.62
N VAL A 118 3.63 10.21 -15.42
CA VAL A 118 4.02 10.90 -14.20
C VAL A 118 5.46 10.54 -13.82
N MET A 119 5.89 9.31 -14.12
CA MET A 119 7.22 8.83 -13.78
C MET A 119 8.32 9.27 -14.76
N TYR A 120 8.00 9.35 -16.05
CA TYR A 120 9.15 9.40 -16.96
C TYR A 120 9.81 10.78 -17.04
N PRO A 121 9.15 11.93 -16.79
CA PRO A 121 9.93 13.16 -16.60
C PRO A 121 10.96 13.04 -15.49
N ALA A 122 10.61 12.34 -14.41
CA ALA A 122 11.58 12.10 -13.35
C ALA A 122 12.73 11.21 -13.81
N TYR A 123 12.43 10.10 -14.51
CA TYR A 123 13.51 9.27 -15.07
C TYR A 123 14.46 10.10 -15.93
N ALA A 124 13.90 10.96 -16.79
CA ALA A 124 14.75 11.84 -17.59
C ALA A 124 15.68 12.65 -16.69
N LYS A 125 15.18 13.09 -15.52
CA LYS A 125 16.03 13.87 -14.61
C LYS A 125 17.12 13.03 -13.98
N TRP A 126 16.80 11.78 -13.62
CA TRP A 126 17.73 10.92 -12.90
C TRP A 126 18.78 10.26 -13.77
N VAL A 127 18.58 10.17 -15.08
CA VAL A 127 19.49 9.47 -15.97
C VAL A 127 20.40 10.51 -16.60
N GLN A 128 21.64 10.59 -16.13
CA GLN A 128 22.65 11.46 -16.72
C GLN A 128 23.72 10.70 -17.48
N SER A 129 24.09 9.50 -17.03
CA SER A 129 25.14 8.71 -17.65
C SER A 129 24.76 7.24 -17.61
N HIS A 130 25.55 6.43 -18.32
CA HIS A 130 25.24 5.01 -18.42
CA HIS A 130 25.29 5.00 -18.41
C HIS A 130 25.22 4.33 -17.04
N ARG A 131 26.01 4.82 -16.09
CA ARG A 131 26.05 4.14 -14.79
C ARG A 131 24.82 4.42 -13.92
N ASP A 132 23.96 5.38 -14.31
CA ASP A 132 22.69 5.59 -13.62
C ASP A 132 21.65 4.53 -13.97
N LEU A 133 21.88 3.71 -14.98
CA LEU A 133 20.97 2.65 -15.36
C LEU A 133 21.48 1.32 -14.85
N PRO A 134 20.59 0.32 -14.62
CA PRO A 134 19.14 0.43 -14.82
C PRO A 134 18.40 1.07 -13.67
N ILE A 135 17.23 1.62 -13.97
CA ILE A 135 16.28 2.13 -13.00
C ILE A 135 15.13 1.14 -12.97
N LYS A 136 14.81 0.62 -11.79
CA LYS A 136 13.81 -0.45 -11.65
C LYS A 136 12.93 -0.06 -10.48
N LEU A 137 11.71 0.44 -10.76
CA LEU A 137 10.86 0.94 -9.69
C LEU A 137 9.48 0.29 -9.76
N ASN A 138 8.84 0.15 -8.61
CA ASN A 138 7.50 -0.43 -8.53
C ASN A 138 6.66 0.41 -7.58
N GLN A 139 5.36 0.50 -7.85
CA GLN A 139 4.51 1.05 -6.81
C GLN A 139 3.21 0.27 -6.69
N TRP A 140 2.73 0.17 -5.45
CA TRP A 140 1.45 -0.42 -5.10
C TRP A 140 0.50 0.75 -4.89
N CYS A 141 -0.47 0.90 -5.78
CA CYS A 141 -1.29 2.08 -5.67
C CYS A 141 -2.61 1.80 -6.35
N ASN A 142 -3.44 2.83 -6.43
CA ASN A 142 -4.73 2.80 -7.12
C ASN A 142 -4.64 3.64 -8.38
N VAL A 143 -5.42 3.27 -9.40
CA VAL A 143 -5.47 4.04 -10.64
C VAL A 143 -6.93 4.12 -11.05
N VAL A 144 -7.23 5.02 -11.99
CA VAL A 144 -8.61 5.33 -12.37
C VAL A 144 -8.74 5.29 -13.89
N ARG A 145 -9.69 4.48 -14.37
CA ARG A 145 -10.03 4.39 -15.79
C ARG A 145 -11.54 4.58 -15.88
N TRP A 146 -11.96 5.83 -16.05
CA TRP A 146 -13.36 6.20 -15.97
C TRP A 146 -14.06 5.94 -17.31
N GLU A 147 -14.19 4.66 -17.65
CA GLU A 147 -14.96 4.28 -18.83
C GLU A 147 -16.44 4.23 -18.49
N PHE A 148 -17.30 4.49 -19.49
CA PHE A 148 -18.73 4.49 -19.21
C PHE A 148 -19.39 3.13 -19.40
N LYS A 149 -18.62 2.11 -19.80
CA LYS A 149 -19.17 0.78 -19.98
C LYS A 149 -19.56 0.16 -18.63
N HIS A 150 -20.17 -1.01 -18.71
CA HIS A 150 -20.68 -1.71 -17.52
C HIS A 150 -19.53 -2.27 -16.68
N PRO A 151 -19.38 -1.84 -15.44
CA PRO A 151 -18.30 -2.36 -14.60
C PRO A 151 -18.70 -3.61 -13.83
N GLN A 152 -17.69 -4.37 -13.47
CA GLN A 152 -17.93 -5.62 -12.78
C GLN A 152 -16.94 -5.75 -11.64
N PRO A 153 -17.43 -5.94 -10.42
CA PRO A 153 -16.53 -6.05 -9.26
C PRO A 153 -15.36 -6.97 -9.52
N PHE A 154 -14.17 -6.51 -9.10
CA PHE A 154 -12.89 -7.17 -9.32
C PHE A 154 -12.46 -7.19 -10.77
N LEU A 155 -13.34 -7.62 -11.68
CA LEU A 155 -12.91 -7.97 -13.02
C LEU A 155 -12.65 -6.75 -13.89
N ARG A 156 -13.46 -5.70 -13.75
CA ARG A 156 -13.38 -4.56 -14.65
C ARG A 156 -14.05 -3.38 -13.92
N THR A 157 -13.24 -2.49 -13.32
CA THR A 157 -13.77 -1.42 -12.49
C THR A 157 -13.14 -0.06 -12.85
N ARG A 158 -13.79 1.01 -12.37
CA ARG A 158 -13.36 2.37 -12.72
C ARG A 158 -12.17 2.84 -11.88
N GLU A 159 -12.16 2.51 -10.60
CA GLU A 159 -10.96 2.62 -9.78
C GLU A 159 -10.52 1.22 -9.41
N PHE A 160 -9.22 0.94 -9.47
CA PHE A 160 -8.81 -0.36 -8.95
C PHE A 160 -7.41 -0.24 -8.37
N LEU A 161 -7.06 -1.24 -7.55
CA LEU A 161 -5.74 -1.39 -6.95
C LEU A 161 -4.85 -2.26 -7.81
N TRP A 162 -3.59 -1.88 -7.96
CA TRP A 162 -2.65 -2.71 -8.70
C TRP A 162 -1.24 -2.49 -8.17
N GLN A 163 -0.34 -3.13 -8.85
CA GLN A 163 1.06 -2.84 -8.78
C GLN A 163 1.46 -2.50 -10.21
N GLU A 164 2.27 -1.50 -10.40
CA GLU A 164 2.85 -1.16 -11.70
C GLU A 164 4.36 -1.01 -11.53
N GLY A 165 5.12 -1.79 -12.29
CA GLY A 165 6.57 -1.66 -12.34
C GLY A 165 7.01 -0.98 -13.62
N HIS A 166 8.10 -0.22 -13.53
CA HIS A 166 8.64 0.57 -14.62
C HIS A 166 10.15 0.46 -14.57
N SER A 167 10.75 -0.07 -15.63
CA SER A 167 12.19 -0.24 -15.68
C SER A 167 12.77 0.41 -16.92
N ALA A 168 14.01 0.85 -16.77
CA ALA A 168 14.78 1.50 -17.83
C ALA A 168 16.20 0.90 -17.85
N PHE A 169 16.67 0.54 -19.03
CA PHE A 169 17.94 -0.15 -19.21
C PHE A 169 18.76 0.51 -20.30
N ALA A 170 20.08 0.35 -20.19
CA ALA A 170 20.99 0.84 -21.21
C ALA A 170 20.93 -0.01 -22.48
N THR A 171 20.62 -1.31 -22.39
CA THR A 171 20.62 -2.21 -23.55
C THR A 171 19.26 -2.86 -23.75
N MET A 172 18.98 -3.21 -24.99
CA MET A 172 17.71 -3.87 -25.28
C MET A 172 17.64 -5.26 -24.67
N GLU A 173 18.77 -5.99 -24.68
CA GLU A 173 18.78 -7.38 -24.19
C GLU A 173 18.32 -7.48 -22.73
N GLU A 174 18.88 -6.62 -21.84
CA GLU A 174 18.44 -6.60 -20.44
C GLU A 174 16.94 -6.43 -20.35
N ALA A 175 16.40 -5.48 -21.12
CA ALA A 175 14.99 -5.16 -21.05
C ALA A 175 14.13 -6.34 -21.49
N ALA A 176 14.50 -6.96 -22.61
CA ALA A 176 13.72 -8.09 -23.10
C ALA A 176 13.75 -9.24 -22.09
N GLU A 177 14.88 -9.43 -21.40
CA GLU A 177 14.95 -10.46 -20.37
C GLU A 177 13.98 -10.16 -19.22
N GLU A 178 13.92 -8.90 -18.75
CA GLU A 178 13.04 -8.61 -17.64
C GLU A 178 11.57 -8.82 -18.01
N VAL A 179 11.21 -8.49 -19.26
CA VAL A 179 9.81 -8.69 -19.67
C VAL A 179 9.35 -10.11 -19.35
N LEU A 180 10.17 -11.09 -19.73
CA LEU A 180 9.78 -12.49 -19.52
C LEU A 180 9.95 -12.94 -18.08
N GLN A 181 10.90 -12.37 -17.34
CA GLN A 181 10.99 -12.71 -15.92
C GLN A 181 9.71 -12.29 -15.19
N ILE A 182 9.24 -11.07 -15.47
CA ILE A 182 8.04 -10.57 -14.81
C ILE A 182 6.84 -11.40 -15.25
N LEU A 183 6.74 -11.73 -16.54
CA LEU A 183 5.60 -12.52 -16.99
C LEU A 183 5.56 -13.87 -16.29
N ASP A 184 6.73 -14.50 -16.11
CA ASP A 184 6.76 -15.75 -15.36
C ASP A 184 6.29 -15.56 -13.92
N LEU A 185 6.65 -14.43 -13.29
CA LEU A 185 6.13 -14.19 -11.94
C LEU A 185 4.62 -14.13 -11.94
N TYR A 186 4.04 -13.42 -12.93
CA TYR A 186 2.59 -13.33 -13.03
C TYR A 186 1.95 -14.71 -13.19
N ALA A 187 2.55 -15.52 -14.06
CA ALA A 187 2.09 -16.91 -14.21
C ALA A 187 2.16 -17.65 -12.88
N GLN A 188 3.18 -17.40 -12.07
CA GLN A 188 3.31 -18.07 -10.77
C GLN A 188 2.25 -17.61 -9.77
N VAL A 189 1.94 -16.31 -9.78
CA VAL A 189 0.82 -15.81 -8.99
C VAL A 189 -0.45 -16.56 -9.35
N TYR A 190 -0.74 -16.69 -10.64
CA TYR A 190 -2.01 -17.30 -11.03
C TYR A 190 -2.01 -18.81 -10.77
N GLU A 191 -0.97 -19.52 -11.21
CA GLU A 191 -0.98 -20.98 -11.16
C GLU A 191 -0.62 -21.50 -9.77
N GLU A 192 0.43 -20.92 -9.17
CA GLU A 192 0.94 -21.33 -7.87
C GLU A 192 0.07 -20.82 -6.72
N LEU A 193 -0.34 -19.54 -6.75
CA LEU A 193 -1.09 -18.99 -5.63
C LEU A 193 -2.60 -19.24 -5.76
N LEU A 194 -3.17 -18.94 -6.91
CA LEU A 194 -4.61 -18.97 -7.05
C LEU A 194 -5.11 -20.26 -7.70
N ALA A 195 -4.22 -21.18 -8.06
CA ALA A 195 -4.59 -22.47 -8.67
C ALA A 195 -5.42 -22.26 -9.93
N ILE A 196 -4.99 -21.34 -10.78
CA ILE A 196 -5.63 -21.03 -12.05
C ILE A 196 -4.61 -21.24 -13.16
N PRO A 197 -4.90 -22.10 -14.15
CA PRO A 197 -3.99 -22.24 -15.28
C PRO A 197 -4.10 -21.05 -16.23
N VAL A 198 -2.96 -20.64 -16.78
CA VAL A 198 -2.93 -19.51 -17.72
C VAL A 198 -2.14 -19.88 -18.96
N VAL A 199 -2.48 -19.23 -20.07
CA VAL A 199 -1.73 -19.33 -21.31
C VAL A 199 -0.90 -18.06 -21.48
N LYS A 200 0.43 -18.21 -21.56
CA LYS A 200 1.31 -17.09 -21.88
C LYS A 200 1.31 -16.85 -23.39
N GLY A 201 1.34 -15.58 -23.78
CA GLY A 201 1.49 -15.24 -25.18
C GLY A 201 1.80 -13.77 -25.39
N ARG A 202 1.80 -13.38 -26.66
CA ARG A 202 1.98 -12.01 -27.09
C ARG A 202 0.67 -11.47 -27.66
N LYS A 203 0.41 -10.18 -27.43
CA LYS A 203 -0.73 -9.54 -28.06
C LYS A 203 -0.44 -9.24 -29.52
N THR A 204 -1.48 -9.34 -30.36
CA THR A 204 -1.45 -8.93 -31.75
C THR A 204 -1.28 -7.41 -31.86
N GLU A 205 -0.96 -6.95 -33.07
CA GLU A 205 -0.77 -5.51 -33.27
C GLU A 205 -2.00 -4.71 -32.87
N LYS A 206 -3.20 -5.24 -33.09
CA LYS A 206 -4.40 -4.47 -32.74
C LYS A 206 -4.54 -4.34 -31.22
N GLU A 207 -4.19 -5.37 -30.47
CA GLU A 207 -4.47 -5.41 -29.04
C GLU A 207 -3.28 -5.04 -28.18
N LYS A 208 -2.16 -4.66 -28.77
CA LYS A 208 -1.00 -4.37 -27.94
C LYS A 208 -1.12 -3.00 -27.28
N PHE A 209 -0.37 -2.82 -26.20
CA PHE A 209 -0.36 -1.58 -25.44
C PHE A 209 -0.01 -0.41 -26.35
N ALA A 210 -0.86 0.62 -26.35
CA ALA A 210 -0.59 1.76 -27.22
C ALA A 210 0.66 2.49 -26.76
N GLY A 211 1.60 2.70 -27.69
CA GLY A 211 2.86 3.33 -27.40
C GLY A 211 4.00 2.36 -27.12
N GLY A 212 3.68 1.10 -26.73
CA GLY A 212 4.70 0.09 -26.57
C GLY A 212 5.11 -0.58 -27.90
N ASP A 213 6.20 -1.35 -27.83
CA ASP A 213 6.63 -2.14 -28.98
C ASP A 213 5.93 -3.49 -29.01
N TYR A 214 5.98 -4.25 -27.93
CA TYR A 214 5.15 -5.44 -27.83
C TYR A 214 4.67 -5.65 -26.40
N THR A 215 3.61 -6.43 -26.28
CA THR A 215 2.94 -6.71 -25.01
C THR A 215 2.89 -8.22 -24.83
N THR A 216 3.42 -8.70 -23.71
CA THR A 216 3.20 -10.10 -23.35
C THR A 216 2.14 -10.15 -22.26
N THR A 217 1.48 -11.30 -22.16
CA THR A 217 0.30 -11.41 -21.33
C THR A 217 0.06 -12.86 -20.95
N ILE A 218 -0.77 -13.03 -19.92
CA ILE A 218 -1.30 -14.33 -19.53
C ILE A 218 -2.82 -14.26 -19.66
N GLU A 219 -3.39 -15.28 -20.25
CA GLU A 219 -4.84 -15.35 -20.43
C GLU A 219 -5.39 -16.48 -19.60
N ALA A 220 -6.47 -16.21 -18.88
CA ALA A 220 -7.19 -17.25 -18.16
C ALA A 220 -8.54 -17.48 -18.83
N PHE A 221 -9.12 -18.64 -18.54
CA PHE A 221 -10.38 -19.04 -19.12
C PHE A 221 -11.43 -19.21 -18.03
N ILE A 222 -12.55 -18.51 -18.18
CA ILE A 222 -13.71 -18.64 -17.31
C ILE A 222 -14.67 -19.58 -18.04
N SER A 223 -14.68 -20.84 -17.60
CA SER A 223 -15.51 -21.87 -18.19
C SER A 223 -17.00 -21.55 -18.06
N ALA A 224 -17.39 -20.96 -16.93
CA ALA A 224 -18.80 -20.70 -16.68
C ALA A 224 -19.42 -19.82 -17.77
N SER A 225 -18.67 -18.88 -18.33
CA SER A 225 -19.18 -18.02 -19.39
C SER A 225 -18.54 -18.28 -20.75
N GLY A 226 -17.65 -19.27 -20.84
CA GLY A 226 -16.92 -19.49 -22.08
C GLY A 226 -16.02 -18.34 -22.49
N ARG A 227 -15.63 -17.47 -21.56
CA ARG A 227 -14.90 -16.26 -21.94
C ARG A 227 -13.50 -16.28 -21.35
N ALA A 228 -12.57 -15.60 -22.02
CA ALA A 228 -11.23 -15.47 -21.49
C ALA A 228 -11.00 -14.07 -20.95
N ILE A 229 -10.02 -13.94 -20.06
CA ILE A 229 -9.69 -12.64 -19.49
C ILE A 229 -8.18 -12.53 -19.30
N GLN A 230 -7.66 -11.34 -19.57
CA GLN A 230 -6.24 -11.07 -19.33
C GLN A 230 -5.98 -10.92 -17.83
N GLY A 231 -4.97 -11.65 -17.33
CA GLY A 231 -4.73 -11.68 -15.91
C GLY A 231 -3.63 -10.76 -15.39
N GLY A 232 -2.72 -10.39 -16.29
CA GLY A 232 -1.54 -9.60 -16.02
C GLY A 232 -0.91 -9.26 -17.36
N THR A 233 0.07 -8.36 -17.33
CA THR A 233 0.60 -7.87 -18.60
C THR A 233 2.00 -7.32 -18.40
N SER A 234 2.86 -7.51 -19.40
CA SER A 234 4.27 -7.13 -19.29
C SER A 234 4.70 -6.59 -20.64
N HIS A 235 4.88 -5.28 -20.74
CA HIS A 235 5.17 -4.62 -22.00
C HIS A 235 6.65 -4.35 -22.16
N HIS A 236 7.13 -4.46 -23.39
CA HIS A 236 8.38 -3.82 -23.78
C HIS A 236 8.00 -2.52 -24.48
N LEU A 237 8.29 -1.38 -23.84
CA LEU A 237 8.00 -0.10 -24.48
C LEU A 237 9.10 0.33 -25.43
N GLY A 238 10.25 -0.31 -25.38
CA GLY A 238 11.31 0.06 -26.32
C GLY A 238 11.80 1.47 -26.02
N GLN A 239 11.96 2.28 -27.06
CA GLN A 239 12.44 3.65 -26.91
C GLN A 239 11.36 4.67 -27.24
N ASN A 240 10.09 4.24 -27.34
CA ASN A 240 9.02 5.15 -27.73
C ASN A 240 8.82 6.25 -26.69
N PHE A 241 8.86 5.89 -25.41
CA PHE A 241 8.67 6.90 -24.37
C PHE A 241 9.97 7.66 -24.09
N SER A 242 11.12 7.00 -24.16
CA SER A 242 12.36 7.70 -23.82
C SER A 242 12.72 8.75 -24.89
N LYS A 243 12.29 8.54 -26.13
CA LYS A 243 12.46 9.57 -27.15
C LYS A 243 11.55 10.76 -26.88
N MET A 244 10.37 10.53 -26.29
CA MET A 244 9.44 11.63 -26.06
C MET A 244 9.73 12.38 -24.77
N PHE A 245 10.26 11.69 -23.77
CA PHE A 245 10.60 12.32 -22.50
C PHE A 245 12.08 12.59 -22.36
N GLU A 246 12.87 12.21 -23.37
CA GLU A 246 14.32 12.44 -23.37
C GLU A 246 14.99 11.80 -22.16
N ILE A 247 14.77 10.50 -22.01
CA ILE A 247 15.54 9.70 -21.06
C ILE A 247 16.76 9.24 -21.85
N VAL A 248 17.87 9.97 -21.69
CA VAL A 248 19.02 9.83 -22.56
C VAL A 248 20.30 9.74 -21.73
N PHE A 249 21.28 9.00 -22.24
CA PHE A 249 22.61 8.98 -21.66
C PHE A 249 23.67 9.03 -22.75
N GLU A 250 24.84 9.56 -22.41
CA GLU A 250 25.88 9.66 -23.42
C GLU A 250 26.50 8.29 -23.64
N ASP A 251 26.67 7.92 -24.90
CA ASP A 251 27.27 6.65 -25.27
C ASP A 251 28.65 6.52 -24.62
N PRO A 252 28.92 5.43 -23.89
CA PRO A 252 30.26 5.29 -23.30
C PRO A 252 31.38 5.13 -24.32
N LYS A 253 31.10 4.65 -25.51
CA LYS A 253 32.17 4.53 -26.50
C LYS A 253 32.28 5.76 -27.41
N ILE A 254 31.17 6.34 -27.87
CA ILE A 254 31.20 7.36 -28.92
C ILE A 254 30.97 8.72 -28.28
N PRO A 255 31.99 9.56 -28.16
CA PRO A 255 31.82 10.83 -27.46
C PRO A 255 30.69 11.68 -28.06
N GLY A 256 29.78 12.09 -27.20
CA GLY A 256 28.74 13.04 -27.61
C GLY A 256 27.52 12.44 -28.25
N GLU A 257 27.46 11.13 -28.46
CA GLU A 257 26.25 10.50 -28.98
C GLU A 257 25.32 10.17 -27.83
N LYS A 258 24.08 10.63 -27.93
CA LYS A 258 23.07 10.31 -26.92
C LYS A 258 22.35 9.03 -27.31
N GLN A 259 22.10 8.19 -26.32
CA GLN A 259 21.31 6.98 -26.47
C GLN A 259 20.06 7.13 -25.64
N PHE A 260 18.95 6.60 -26.15
CA PHE A 260 17.69 6.60 -25.42
C PHE A 260 17.56 5.30 -24.66
N ALA A 261 17.16 5.41 -23.40
CA ALA A 261 16.95 4.22 -22.58
C ALA A 261 15.89 3.31 -23.19
N TYR A 262 16.06 2.00 -22.98
CA TYR A 262 15.03 1.01 -23.32
C TYR A 262 14.16 0.74 -22.10
N GLN A 263 12.85 0.72 -22.27
CA GLN A 263 11.96 0.68 -21.12
C GLN A 263 10.92 -0.43 -21.24
N ASN A 264 10.54 -0.94 -20.06
CA ASN A 264 9.42 -1.86 -19.86
C ASN A 264 8.49 -1.30 -18.78
N SER A 265 7.22 -1.70 -18.85
CA SER A 265 6.30 -1.51 -17.74
C SER A 265 5.43 -2.76 -17.63
N TRP A 266 4.93 -3.03 -16.42
CA TRP A 266 4.20 -4.28 -16.18
C TRP A 266 3.24 -4.12 -15.01
N GLY A 267 2.03 -4.69 -15.14
CA GLY A 267 0.99 -4.46 -14.16
C GLY A 267 0.16 -5.68 -13.82
N LEU A 268 -0.29 -5.71 -12.57
CA LEU A 268 -1.16 -6.77 -12.07
C LEU A 268 -2.14 -6.19 -11.07
N THR A 269 -3.41 -6.58 -11.16
CA THR A 269 -4.48 -5.90 -10.41
C THR A 269 -5.30 -6.87 -9.58
N THR A 270 -6.23 -6.31 -8.84
CA THR A 270 -7.15 -7.12 -8.05
C THR A 270 -8.12 -7.91 -8.91
N ARG A 271 -8.02 -7.78 -10.24
CA ARG A 271 -8.72 -8.70 -11.14
C ARG A 271 -8.44 -10.15 -10.76
N THR A 272 -7.23 -10.41 -10.23
CA THR A 272 -6.86 -11.73 -9.72
C THR A 272 -7.99 -12.35 -8.88
N ILE A 273 -8.50 -11.56 -7.91
CA ILE A 273 -9.50 -12.08 -6.98
C ILE A 273 -10.80 -12.42 -7.72
N GLY A 274 -11.15 -11.63 -8.73
CA GLY A 274 -12.33 -11.95 -9.51
C GLY A 274 -12.18 -13.26 -10.26
N VAL A 275 -10.98 -13.51 -10.80
CA VAL A 275 -10.81 -14.72 -11.59
C VAL A 275 -10.88 -15.95 -10.70
N MET A 276 -10.05 -15.98 -9.65
CA MET A 276 -10.23 -16.93 -8.55
C MET A 276 -11.70 -17.24 -8.33
N THR A 277 -12.52 -16.19 -8.14
CA THR A 277 -13.91 -16.39 -7.78
C THR A 277 -14.68 -17.03 -8.92
N MET A 278 -14.53 -16.50 -10.13
CA MET A 278 -15.20 -17.06 -11.29
C MET A 278 -14.73 -18.48 -11.59
N VAL A 279 -13.48 -18.82 -11.25
CA VAL A 279 -13.02 -20.13 -11.70
C VAL A 279 -13.35 -21.21 -10.68
N HIS A 280 -13.17 -20.91 -9.39
CA HIS A 280 -13.30 -21.92 -8.36
C HIS A 280 -14.62 -21.88 -7.62
N GLY A 281 -15.33 -20.75 -7.67
CA GLY A 281 -16.59 -20.64 -6.95
C GLY A 281 -17.57 -21.70 -7.39
N ASP A 282 -18.54 -21.99 -6.52
CA ASP A 282 -19.53 -23.02 -6.81
C ASP A 282 -20.88 -22.57 -6.27
N ASN A 283 -21.83 -23.50 -6.20
CA ASN A 283 -23.17 -23.09 -5.82
C ASN A 283 -23.35 -23.00 -4.30
N MET A 284 -22.33 -23.32 -3.52
CA MET A 284 -22.40 -23.11 -2.08
C MET A 284 -21.60 -21.88 -1.62
N GLY A 285 -20.78 -21.31 -2.50
CA GLY A 285 -20.19 -20.01 -2.22
C GLY A 285 -18.79 -19.91 -2.80
N LEU A 286 -17.99 -19.04 -2.18
CA LEU A 286 -16.60 -18.88 -2.55
C LEU A 286 -15.83 -20.15 -2.20
N VAL A 287 -14.75 -20.40 -2.94
CA VAL A 287 -13.82 -21.49 -2.68
C VAL A 287 -12.40 -20.92 -2.74
N LEU A 288 -11.73 -20.82 -1.58
CA LEU A 288 -10.41 -20.19 -1.47
C LEU A 288 -9.30 -21.23 -1.61
N PRO A 289 -8.38 -21.06 -2.56
CA PRO A 289 -7.14 -21.87 -2.54
C PRO A 289 -6.42 -21.72 -1.21
N PRO A 290 -6.05 -22.83 -0.58
CA PRO A 290 -5.33 -22.74 0.72
C PRO A 290 -4.16 -21.81 0.69
N ARG A 291 -3.49 -21.69 -0.47
CA ARG A 291 -2.27 -20.91 -0.51
C ARG A 291 -2.56 -19.42 -0.29
N VAL A 292 -3.77 -18.94 -0.61
CA VAL A 292 -4.11 -17.54 -0.35
C VAL A 292 -5.14 -17.37 0.77
N ALA A 293 -5.60 -18.45 1.42
CA ALA A 293 -6.72 -18.33 2.35
C ALA A 293 -6.30 -17.61 3.64
N CYS A 294 -6.98 -16.49 3.94
CA CYS A 294 -6.91 -15.84 5.25
C CYS A 294 -7.07 -16.85 6.39
N VAL A 295 -8.15 -17.61 6.37
CA VAL A 295 -8.34 -18.72 7.30
C VAL A 295 -8.36 -20.03 6.50
N GLN A 296 -7.45 -20.94 6.82
CA GLN A 296 -7.33 -22.22 6.12
C GLN A 296 -8.18 -23.31 6.78
N VAL A 297 -8.24 -23.31 8.11
CA VAL A 297 -9.03 -24.26 8.88
C VAL A 297 -9.91 -23.49 9.85
N VAL A 298 -11.19 -23.86 9.93
CA VAL A 298 -12.08 -23.32 10.95
C VAL A 298 -12.52 -24.46 11.84
N ILE A 299 -12.30 -24.30 13.15
CA ILE A 299 -12.71 -25.31 14.13
C ILE A 299 -14.08 -24.93 14.65
N ILE A 300 -15.00 -25.90 14.65
CA ILE A 300 -16.38 -25.67 15.03
C ILE A 300 -16.83 -26.78 15.97
N PRO A 301 -17.31 -26.47 17.18
CA PRO A 301 -17.87 -27.51 18.05
C PRO A 301 -19.30 -27.89 17.70
N CYS A 302 -19.61 -29.17 17.89
CA CYS A 302 -20.92 -29.74 17.58
C CYS A 302 -21.43 -30.51 18.78
N GLY A 303 -22.76 -30.62 18.88
CA GLY A 303 -23.39 -31.43 19.93
C GLY A 303 -23.74 -30.72 21.23
N GLU A 310 -22.02 -30.81 32.02
CA GLU A 310 -21.27 -29.57 31.84
C GLU A 310 -19.78 -29.77 31.92
N GLU A 311 -19.36 -30.93 32.35
CA GLU A 311 -17.98 -31.19 32.39
C GLU A 311 -17.62 -31.48 30.96
N ASP A 312 -18.56 -32.04 30.20
CA ASP A 312 -18.36 -32.39 28.84
C ASP A 312 -18.36 -31.19 27.93
N LYS A 313 -19.17 -30.22 28.19
CA LYS A 313 -19.13 -29.03 27.34
C LYS A 313 -17.78 -28.34 27.44
N GLU A 314 -17.30 -28.13 28.67
CA GLU A 314 -16.01 -27.48 28.86
C GLU A 314 -14.87 -28.33 28.28
N ALA A 315 -14.95 -29.66 28.43
CA ALA A 315 -13.96 -30.54 27.81
C ALA A 315 -13.95 -30.39 26.29
N LEU A 316 -15.13 -30.24 25.70
CA LEU A 316 -15.23 -30.09 24.26
C LEU A 316 -14.57 -28.79 23.80
N ILE A 317 -14.84 -27.68 24.49
CA ILE A 317 -14.25 -26.41 24.07
C ILE A 317 -12.74 -26.43 24.31
N ALA A 318 -12.31 -27.01 25.43
CA ALA A 318 -10.89 -27.26 25.69
C ALA A 318 -10.23 -28.01 24.54
N LYS A 319 -10.88 -29.07 24.04
CA LYS A 319 -10.32 -29.86 22.94
C LYS A 319 -10.24 -29.04 21.64
N CYS A 320 -11.19 -28.17 21.43
CA CYS A 320 -11.19 -27.34 20.29
C CYS A 320 -9.97 -26.49 20.33
N ASN A 321 -9.68 -25.97 21.50
CA ASN A 321 -8.51 -25.18 21.72
C ASN A 321 -7.26 -25.94 21.55
N ASP A 322 -7.26 -27.18 21.96
CA ASP A 322 -6.12 -28.01 21.73
C ASP A 322 -5.79 -28.06 20.27
N TYR A 323 -6.76 -28.32 19.42
CA TYR A 323 -6.55 -28.36 17.97
C TYR A 323 -6.05 -27.01 17.44
N ARG A 324 -6.62 -25.92 17.95
CA ARG A 324 -6.18 -24.61 17.49
C ARG A 324 -4.68 -24.43 17.74
N ARG A 325 -4.21 -24.81 18.92
CA ARG A 325 -2.83 -24.53 19.25
C ARG A 325 -1.87 -25.44 18.49
N ARG A 326 -2.26 -26.67 18.21
CA ARG A 326 -1.38 -27.51 17.45
C ARG A 326 -1.26 -27.02 16.05
N LEU A 327 -2.37 -26.64 15.44
CA LEU A 327 -2.32 -26.16 14.07
C LEU A 327 -1.52 -24.87 13.98
N LEU A 328 -1.68 -23.96 14.93
CA LEU A 328 -0.85 -22.76 14.94
C LEU A 328 0.62 -23.14 15.10
N SER A 329 0.90 -24.17 15.90
CA SER A 329 2.29 -24.59 16.08
C SER A 329 2.94 -24.97 14.77
N VAL A 330 2.18 -25.50 13.81
CA VAL A 330 2.84 -25.81 12.54
C VAL A 330 2.49 -24.80 11.43
N ASN A 331 2.16 -23.57 11.82
CA ASN A 331 1.99 -22.45 10.90
C ASN A 331 0.80 -22.62 9.94
N ILE A 332 -0.21 -23.42 10.32
CA ILE A 332 -1.48 -23.40 9.60
C ILE A 332 -2.34 -22.29 10.16
N ARG A 333 -3.03 -21.55 9.29
CA ARG A 333 -3.89 -20.43 9.69
C ARG A 333 -5.26 -20.98 10.09
N VAL A 334 -5.60 -20.85 11.36
CA VAL A 334 -6.76 -21.54 11.93
C VAL A 334 -7.54 -20.55 12.79
N ARG A 335 -8.87 -20.65 12.71
CA ARG A 335 -9.78 -19.88 13.55
C ARG A 335 -10.66 -20.89 14.28
N ALA A 336 -10.83 -20.72 15.58
CA ALA A 336 -11.77 -21.53 16.33
C ALA A 336 -13.02 -20.69 16.56
N ASP A 337 -14.14 -21.08 15.96
CA ASP A 337 -15.39 -20.34 16.10
C ASP A 337 -16.21 -20.95 17.24
N LEU A 338 -15.85 -20.55 18.47
CA LEU A 338 -16.53 -21.03 19.67
C LEU A 338 -17.59 -20.07 20.17
N ARG A 339 -18.14 -19.25 19.26
CA ARG A 339 -19.19 -18.31 19.63
C ARG A 339 -20.44 -19.06 20.10
N ASP A 340 -20.97 -18.65 21.26
CA ASP A 340 -22.22 -19.21 21.74
C ASP A 340 -23.43 -18.51 21.12
N ASN A 341 -23.26 -17.27 20.65
CA ASN A 341 -24.27 -16.44 20.00
C ASN A 341 -24.69 -16.94 18.63
N TYR A 342 -24.35 -18.17 18.20
CA TYR A 342 -24.70 -18.65 16.86
C TYR A 342 -24.88 -20.15 16.89
N SER A 343 -25.67 -20.65 15.96
CA SER A 343 -25.89 -22.09 15.82
C SER A 343 -24.71 -22.76 15.13
N PRO A 344 -24.45 -24.03 15.43
CA PRO A 344 -23.45 -24.77 14.65
C PRO A 344 -23.74 -24.82 13.16
N GLY A 345 -24.97 -25.13 12.75
CA GLY A 345 -25.27 -25.16 11.32
C GLY A 345 -25.11 -23.80 10.66
N TRP A 346 -25.50 -22.74 11.38
CA TRP A 346 -25.23 -21.39 10.91
C TRP A 346 -23.75 -21.17 10.65
N LYS A 347 -22.93 -21.54 11.63
CA LYS A 347 -21.47 -21.46 11.47
C LYS A 347 -21.00 -22.23 10.24
N PHE A 348 -21.56 -23.44 10.04
CA PHE A 348 -21.21 -24.23 8.87
C PHE A 348 -21.43 -23.43 7.62
N ASN A 349 -22.65 -22.91 7.44
CA ASN A 349 -22.97 -22.19 6.19
C ASN A 349 -22.14 -20.93 6.04
N HIS A 350 -21.99 -20.16 7.13
CA HIS A 350 -21.20 -18.94 7.11
C HIS A 350 -19.79 -19.19 6.62
N TRP A 351 -19.13 -20.24 7.12
CA TRP A 351 -17.77 -20.43 6.70
C TRP A 351 -17.65 -21.14 5.36
N GLU A 352 -18.66 -21.93 4.95
CA GLU A 352 -18.67 -22.44 3.58
C GLU A 352 -18.79 -21.30 2.57
N LEU A 353 -19.64 -20.31 2.87
CA LEU A 353 -19.81 -19.17 1.96
C LEU A 353 -18.50 -18.42 1.77
N LYS A 354 -17.71 -18.28 2.83
CA LYS A 354 -16.44 -17.58 2.71
C LYS A 354 -15.33 -18.45 2.15
N GLY A 355 -15.59 -19.73 1.88
CA GLY A 355 -14.62 -20.50 1.13
C GLY A 355 -13.49 -21.13 1.91
N VAL A 356 -13.60 -21.21 3.24
CA VAL A 356 -12.52 -21.75 4.08
C VAL A 356 -12.19 -23.18 3.67
N PRO A 357 -10.93 -23.46 3.32
CA PRO A 357 -10.58 -24.78 2.78
C PRO A 357 -11.06 -26.00 3.57
N ILE A 358 -10.92 -26.00 4.88
CA ILE A 358 -11.27 -27.15 5.71
C ILE A 358 -12.12 -26.70 6.87
N ARG A 359 -13.22 -27.42 7.12
CA ARG A 359 -13.95 -27.29 8.37
C ARG A 359 -13.58 -28.46 9.28
N LEU A 360 -13.08 -28.15 10.47
CA LEU A 360 -12.72 -29.15 11.48
C LEU A 360 -13.84 -29.19 12.53
N GLU A 361 -14.64 -30.26 12.51
CA GLU A 361 -15.73 -30.48 13.44
C GLU A 361 -15.30 -31.36 14.61
N VAL A 362 -15.63 -30.91 15.82
CA VAL A 362 -15.35 -31.66 17.04
C VAL A 362 -16.67 -31.79 17.79
N GLY A 363 -17.14 -33.02 17.94
CA GLY A 363 -18.33 -33.31 18.71
C GLY A 363 -18.02 -34.27 19.85
N PRO A 364 -18.99 -34.47 20.73
CA PRO A 364 -18.71 -35.23 21.97
C PRO A 364 -18.29 -36.67 21.73
N ARG A 365 -19.01 -37.38 20.87
CA ARG A 365 -18.66 -38.77 20.56
C ARG A 365 -17.24 -38.85 20.02
N ASP A 366 -16.97 -38.08 18.95
CA ASP A 366 -15.64 -38.07 18.36
C ASP A 366 -14.58 -37.70 19.37
N MET A 367 -14.88 -36.76 20.28
CA MET A 367 -13.86 -36.30 21.22
C MET A 367 -13.49 -37.41 22.20
N LYS A 368 -14.50 -38.10 22.75
CA LYS A 368 -14.21 -39.21 23.64
C LYS A 368 -13.57 -40.38 22.91
N SER A 369 -13.59 -40.36 21.58
CA SER A 369 -12.96 -41.38 20.76
C SER A 369 -11.63 -40.95 20.17
N CYS A 370 -11.11 -39.79 20.59
CA CYS A 370 -9.84 -39.25 20.09
C CYS A 370 -9.81 -39.21 18.57
N GLN A 371 -10.87 -38.63 18.00
CA GLN A 371 -10.88 -38.33 16.57
C GLN A 371 -11.68 -37.05 16.34
N PHE A 372 -11.57 -36.54 15.12
CA PHE A 372 -12.31 -35.37 14.68
C PHE A 372 -12.70 -35.56 13.21
N VAL A 373 -13.50 -34.63 12.68
CA VAL A 373 -13.92 -34.71 11.28
C VAL A 373 -13.36 -33.50 10.54
N ALA A 374 -12.72 -33.74 9.41
CA ALA A 374 -12.29 -32.70 8.49
C ALA A 374 -13.17 -32.76 7.25
N VAL A 375 -13.72 -31.61 6.85
CA VAL A 375 -14.56 -31.49 5.66
C VAL A 375 -13.88 -30.56 4.67
N ARG A 376 -13.52 -31.10 3.49
CA ARG A 376 -12.92 -30.31 2.43
C ARG A 376 -13.96 -29.42 1.73
N ARG A 377 -13.60 -28.17 1.48
CA ARG A 377 -14.54 -27.24 0.85
C ARG A 377 -14.72 -27.54 -0.64
N ASP A 378 -13.64 -27.90 -1.34
CA ASP A 378 -13.68 -28.08 -2.79
C ASP A 378 -14.62 -29.23 -3.20
N THR A 379 -14.55 -30.37 -2.51
CA THR A 379 -15.38 -31.52 -2.84
C THR A 379 -16.52 -31.77 -1.86
N GLY A 380 -16.45 -31.22 -0.66
CA GLY A 380 -17.43 -31.52 0.38
C GLY A 380 -17.23 -32.84 1.08
N GLU A 381 -16.15 -33.56 0.78
CA GLU A 381 -15.92 -34.88 1.35
C GLU A 381 -15.61 -34.79 2.85
N LYS A 382 -16.19 -35.72 3.62
CA LYS A 382 -15.98 -35.82 5.06
C LYS A 382 -14.96 -36.91 5.35
N LEU A 383 -13.89 -36.55 6.05
CA LEU A 383 -12.86 -37.46 6.52
C LEU A 383 -12.90 -37.49 8.03
N THR A 384 -12.78 -38.68 8.61
CA THR A 384 -12.59 -38.80 10.05
C THR A 384 -11.12 -39.08 10.29
N VAL A 385 -10.52 -38.32 11.20
CA VAL A 385 -9.07 -38.32 11.42
C VAL A 385 -8.78 -38.51 12.90
N ALA A 386 -7.85 -39.40 13.20
CA ALA A 386 -7.40 -39.57 14.57
C ALA A 386 -6.76 -38.29 15.08
N GLU A 387 -6.90 -38.04 16.38
CA GLU A 387 -6.34 -36.80 16.94
C GLU A 387 -4.84 -36.78 16.74
N ASN A 388 -4.19 -37.94 16.92
CA ASN A 388 -2.77 -38.14 16.69
C ASN A 388 -2.24 -37.40 15.46
N GLU A 389 -2.90 -37.57 14.32
CA GLU A 389 -2.40 -37.10 13.04
C GLU A 389 -2.73 -35.64 12.72
N ALA A 390 -3.43 -34.93 13.63
CA ALA A 390 -4.07 -33.67 13.25
C ALA A 390 -3.20 -32.77 12.37
N GLU A 391 -2.00 -32.47 12.77
CA GLU A 391 -1.18 -31.58 12.00
C GLU A 391 -0.74 -32.10 10.68
N THR A 392 -0.26 -33.30 10.66
CA THR A 392 0.22 -33.87 9.40
C THR A 392 -0.90 -33.96 8.38
N LYS A 393 -1.97 -34.71 8.72
CA LYS A 393 -3.04 -34.96 7.75
C LYS A 393 -3.65 -33.66 7.24
N LEU A 394 -3.98 -32.72 8.14
CA LEU A 394 -4.57 -31.47 7.67
C LEU A 394 -3.63 -30.77 6.69
N GLN A 395 -2.32 -30.75 6.97
CA GLN A 395 -1.37 -30.20 6.02
C GLN A 395 -1.50 -30.92 4.67
N ALA A 396 -1.50 -32.25 4.71
CA ALA A 396 -1.65 -33.02 3.49
C ALA A 396 -2.91 -32.59 2.75
N ILE A 397 -4.02 -32.47 3.48
CA ILE A 397 -5.29 -32.17 2.83
C ILE A 397 -5.25 -30.77 2.24
N LEU A 398 -4.64 -29.82 2.95
CA LEU A 398 -4.58 -28.48 2.38
C LEU A 398 -3.82 -28.52 1.06
N GLU A 399 -2.75 -29.30 0.99
CA GLU A 399 -2.00 -29.37 -0.27
C GLU A 399 -2.84 -30.06 -1.34
N ASP A 400 -3.58 -31.10 -0.96
CA ASP A 400 -4.38 -31.76 -1.98
C ASP A 400 -5.43 -30.80 -2.52
N ILE A 401 -5.98 -29.94 -1.65
CA ILE A 401 -7.02 -29.04 -2.13
C ILE A 401 -6.43 -28.13 -3.21
N GLN A 402 -5.23 -27.61 -2.95
CA GLN A 402 -4.62 -26.70 -3.92
C GLN A 402 -4.46 -27.40 -5.25
N VAL A 403 -3.94 -28.64 -5.20
CA VAL A 403 -3.68 -29.37 -6.43
C VAL A 403 -4.98 -29.68 -7.13
N THR A 404 -5.98 -30.13 -6.36
CA THR A 404 -7.26 -30.46 -6.95
C THR A 404 -7.83 -29.25 -7.65
N LEU A 405 -7.74 -28.09 -6.99
CA LEU A 405 -8.34 -26.91 -7.59
C LEU A 405 -7.68 -26.62 -8.92
N PHE A 406 -6.35 -26.74 -8.97
CA PHE A 406 -5.65 -26.47 -10.21
C PHE A 406 -6.01 -27.52 -11.26
N THR A 407 -6.09 -28.79 -10.83
CA THR A 407 -6.27 -29.89 -11.77
C THR A 407 -7.60 -29.76 -12.48
N ARG A 408 -8.69 -29.62 -11.72
CA ARG A 408 -10.01 -29.36 -12.32
C ARG A 408 -9.96 -28.20 -13.29
N ALA A 409 -9.42 -27.05 -12.84
CA ALA A 409 -9.43 -25.89 -13.72
C ALA A 409 -8.62 -26.20 -14.97
N SER A 410 -7.52 -26.94 -14.79
CA SER A 410 -6.67 -27.30 -15.93
C SER A 410 -7.45 -28.13 -16.93
N GLU A 411 -8.18 -29.13 -16.44
CA GLU A 411 -8.94 -29.97 -17.35
C GLU A 411 -9.91 -29.12 -18.15
N ASP A 412 -10.54 -28.13 -17.49
CA ASP A 412 -11.47 -27.28 -18.20
C ASP A 412 -10.76 -26.57 -19.34
N LEU A 413 -9.62 -25.95 -19.04
CA LEU A 413 -8.87 -25.29 -20.08
C LEU A 413 -8.56 -26.27 -21.20
N LYS A 414 -8.12 -27.48 -20.84
CA LYS A 414 -7.68 -28.42 -21.87
C LYS A 414 -8.84 -28.89 -22.72
N THR A 415 -10.08 -28.80 -22.23
CA THR A 415 -11.19 -29.20 -23.09
C THR A 415 -11.84 -28.02 -23.79
N HIS A 416 -11.51 -26.78 -23.41
CA HIS A 416 -12.20 -25.64 -24.01
C HIS A 416 -11.29 -24.78 -24.88
N MET A 417 -10.06 -25.19 -25.11
CA MET A 417 -9.15 -24.48 -26.02
C MET A 417 -8.71 -25.47 -27.08
N VAL A 418 -9.22 -25.33 -28.30
CA VAL A 418 -8.95 -26.29 -29.36
C VAL A 418 -8.42 -25.56 -30.60
N VAL A 419 -8.06 -26.34 -31.60
CA VAL A 419 -7.53 -25.82 -32.85
C VAL A 419 -8.61 -25.85 -33.92
N ALA A 420 -8.60 -24.83 -34.79
CA ALA A 420 -9.48 -24.81 -35.95
C ALA A 420 -8.76 -24.11 -37.08
N ASN A 421 -8.66 -24.78 -38.23
CA ASN A 421 -7.95 -24.26 -39.38
C ASN A 421 -8.84 -23.53 -40.37
N THR A 422 -10.16 -23.53 -40.19
CA THR A 422 -11.06 -22.86 -41.12
C THR A 422 -12.08 -22.03 -40.35
N MET A 423 -12.71 -21.11 -41.09
CA MET A 423 -13.63 -20.17 -40.49
C MET A 423 -14.92 -20.82 -40.03
N GLU A 424 -15.39 -21.83 -40.77
CA GLU A 424 -16.67 -22.46 -40.43
C GLU A 424 -16.55 -23.26 -39.14
N ASP A 425 -15.51 -24.09 -39.04
CA ASP A 425 -15.27 -24.79 -37.79
C ASP A 425 -14.91 -23.82 -36.67
N PHE A 426 -14.22 -22.73 -36.99
CA PHE A 426 -13.97 -21.69 -36.00
C PHE A 426 -15.27 -21.19 -35.40
N GLN A 427 -16.24 -20.82 -36.24
CA GLN A 427 -17.52 -20.33 -35.75
C GLN A 427 -18.23 -21.38 -34.91
N LYS A 428 -18.34 -22.60 -35.46
CA LYS A 428 -19.03 -23.66 -34.73
C LYS A 428 -18.43 -23.84 -33.34
N ILE A 429 -17.11 -24.02 -33.25
CA ILE A 429 -16.47 -24.18 -31.94
C ILE A 429 -16.73 -22.97 -31.06
N LEU A 430 -16.60 -21.78 -31.63
CA LEU A 430 -16.69 -20.57 -30.82
C LEU A 430 -18.01 -20.50 -30.08
N ASP A 431 -19.12 -20.74 -30.77
CA ASP A 431 -20.38 -20.58 -30.07
C ASP A 431 -20.83 -21.84 -29.36
N SER A 432 -20.00 -22.87 -29.30
CA SER A 432 -20.21 -23.90 -28.28
C SER A 432 -19.68 -23.49 -26.92
N GLY A 433 -19.04 -22.33 -26.80
CA GLY A 433 -18.50 -21.87 -25.55
C GLY A 433 -17.02 -22.12 -25.32
N LYS A 434 -16.23 -22.22 -26.37
CA LYS A 434 -14.81 -22.53 -26.27
C LYS A 434 -13.99 -21.37 -26.83
N ILE A 435 -12.69 -21.41 -26.56
CA ILE A 435 -11.74 -20.53 -27.22
C ILE A 435 -10.94 -21.36 -28.21
N VAL A 436 -10.39 -20.69 -29.23
CA VAL A 436 -9.94 -21.37 -30.44
C VAL A 436 -8.61 -20.80 -30.90
N GLN A 437 -7.64 -21.69 -31.13
CA GLN A 437 -6.40 -21.30 -31.79
C GLN A 437 -6.57 -21.49 -33.28
N ILE A 438 -6.47 -20.39 -34.03
CA ILE A 438 -6.65 -20.43 -35.48
C ILE A 438 -5.42 -19.87 -36.17
N PRO A 439 -5.08 -20.33 -37.37
CA PRO A 439 -3.99 -19.70 -38.13
C PRO A 439 -4.40 -18.29 -38.51
N PHE A 440 -3.51 -17.32 -38.26
CA PHE A 440 -3.85 -15.92 -38.36
C PHE A 440 -2.71 -15.15 -39.05
N CYS A 441 -3.11 -14.26 -39.94
CA CYS A 441 -2.20 -13.43 -40.69
C CYS A 441 -1.68 -12.20 -39.93
N GLY A 442 -2.41 -11.75 -38.93
CA GLY A 442 -1.89 -10.71 -38.05
C GLY A 442 -2.34 -9.30 -38.32
N GLU A 443 -3.10 -9.09 -39.39
CA GLU A 443 -3.47 -7.76 -39.81
C GLU A 443 -4.66 -7.24 -39.02
N ILE A 444 -4.66 -5.94 -38.74
CA ILE A 444 -5.76 -5.33 -38.00
C ILE A 444 -7.07 -5.44 -38.77
N ASP A 445 -7.01 -5.32 -40.11
CA ASP A 445 -8.24 -5.38 -40.90
C ASP A 445 -8.91 -6.74 -40.78
N CYS A 446 -8.11 -7.81 -40.84
CA CYS A 446 -8.60 -9.17 -40.69
C CYS A 446 -9.12 -9.42 -39.28
N GLU A 447 -8.48 -8.83 -38.28
CA GLU A 447 -8.95 -8.98 -36.91
C GLU A 447 -10.33 -8.34 -36.72
N ASP A 448 -10.49 -7.10 -37.19
CA ASP A 448 -11.82 -6.46 -37.21
C ASP A 448 -12.84 -7.35 -37.90
N TRP A 449 -12.49 -7.86 -39.09
CA TRP A 449 -13.43 -8.66 -39.85
C TRP A 449 -13.83 -9.91 -39.10
N ILE A 450 -12.86 -10.58 -38.45
CA ILE A 450 -13.17 -11.75 -37.63
C ILE A 450 -14.18 -11.37 -36.56
N LYS A 451 -13.94 -10.24 -35.89
CA LYS A 451 -14.88 -9.75 -34.87
C LYS A 451 -16.31 -9.69 -35.39
N LYS A 452 -16.52 -8.98 -36.51
CA LYS A 452 -17.90 -8.82 -36.98
C LYS A 452 -18.47 -10.13 -37.51
N THR A 453 -17.72 -10.86 -38.34
CA THR A 453 -18.22 -12.11 -38.89
C THR A 453 -18.57 -13.13 -37.82
N THR A 454 -17.92 -13.06 -36.65
CA THR A 454 -18.26 -14.00 -35.59
C THR A 454 -19.29 -13.45 -34.63
N ALA A 455 -19.60 -12.15 -34.66
CA ALA A 455 -20.76 -11.66 -33.93
C ALA A 455 -22.06 -12.16 -34.56
N MET A 467 -21.50 -11.74 -28.69
CA MET A 467 -20.38 -10.84 -28.96
C MET A 467 -19.40 -11.48 -29.95
N GLY A 468 -18.66 -10.64 -30.68
CA GLY A 468 -17.67 -11.15 -31.61
C GLY A 468 -16.41 -11.64 -30.90
N ALA A 469 -15.69 -12.53 -31.56
CA ALA A 469 -14.44 -13.05 -31.01
C ALA A 469 -13.33 -12.02 -31.20
N LYS A 470 -12.57 -11.79 -30.14
CA LYS A 470 -11.37 -10.96 -30.16
C LYS A 470 -10.12 -11.85 -30.12
N SER A 471 -9.00 -11.30 -30.55
CA SER A 471 -7.72 -11.92 -30.29
C SER A 471 -7.40 -11.85 -28.80
N LEU A 472 -6.93 -12.97 -28.25
CA LEU A 472 -6.51 -13.02 -26.87
C LEU A 472 -4.99 -12.94 -26.73
N CYS A 473 -4.27 -13.84 -27.39
CA CYS A 473 -2.82 -13.80 -27.44
C CYS A 473 -2.29 -14.73 -28.52
N ILE A 474 -1.05 -14.49 -28.92
CA ILE A 474 -0.30 -15.42 -29.75
C ILE A 474 0.46 -16.31 -28.78
N PRO A 475 0.03 -17.56 -28.57
CA PRO A 475 0.69 -18.42 -27.57
C PRO A 475 2.17 -18.57 -27.84
N PHE A 476 2.96 -18.47 -26.76
CA PHE A 476 4.37 -18.87 -26.81
C PHE A 476 4.51 -20.32 -27.29
N LYS A 477 3.67 -21.21 -26.76
CA LYS A 477 3.69 -22.64 -27.07
C LYS A 477 2.31 -23.03 -27.58
N PRO A 478 2.06 -22.89 -28.88
CA PRO A 478 0.73 -23.19 -29.40
C PRO A 478 0.49 -24.70 -29.43
N LEU A 479 -0.79 -25.07 -29.57
CA LEU A 479 -1.18 -26.48 -29.55
C LEU A 479 -0.56 -27.27 -30.70
N CYS A 480 -0.54 -26.71 -31.91
CA CYS A 480 -0.01 -27.38 -33.08
C CYS A 480 1.13 -26.57 -33.69
N GLU A 481 1.88 -27.25 -34.56
CA GLU A 481 2.86 -26.59 -35.40
C GLU A 481 2.16 -26.02 -36.63
N LEU A 482 2.38 -24.74 -36.92
CA LEU A 482 1.94 -24.21 -38.20
C LEU A 482 2.69 -24.91 -39.32
N GLN A 483 1.95 -25.32 -40.35
CA GLN A 483 2.60 -26.04 -41.43
C GLN A 483 2.93 -25.11 -42.58
N PRO A 484 3.95 -25.44 -43.37
CA PRO A 484 4.34 -24.55 -44.48
C PRO A 484 3.16 -24.28 -45.42
N GLY A 485 3.06 -23.04 -45.87
CA GLY A 485 2.02 -22.64 -46.81
C GLY A 485 0.64 -22.48 -46.21
N ALA A 486 0.51 -22.55 -44.88
CA ALA A 486 -0.80 -22.40 -44.25
C ALA A 486 -1.36 -21.01 -44.47
N LYS A 487 -2.60 -20.95 -44.92
CA LYS A 487 -3.28 -19.68 -45.10
C LYS A 487 -4.05 -19.30 -43.83
N CYS A 488 -4.20 -18.00 -43.62
CA CYS A 488 -5.03 -17.48 -42.55
C CYS A 488 -6.51 -17.80 -42.85
N VAL A 489 -7.34 -17.76 -41.81
CA VAL A 489 -8.76 -18.06 -41.97
C VAL A 489 -9.47 -17.10 -42.92
N CYS A 490 -8.87 -15.97 -43.25
CA CYS A 490 -9.44 -15.08 -44.26
C CYS A 490 -9.18 -15.55 -45.68
N GLY A 491 -8.28 -16.53 -45.86
CA GLY A 491 -7.93 -17.04 -47.18
C GLY A 491 -7.06 -16.13 -48.03
N LYS A 492 -6.98 -14.84 -47.68
CA LYS A 492 -6.31 -13.88 -48.54
C LYS A 492 -4.80 -13.90 -48.34
N ASN A 493 -4.35 -13.92 -47.09
CA ASN A 493 -2.92 -13.84 -46.79
C ASN A 493 -2.42 -15.14 -46.20
N PRO A 494 -1.10 -15.39 -46.26
CA PRO A 494 -0.56 -16.56 -45.59
C PRO A 494 -0.58 -16.40 -44.08
N ALA A 495 -0.61 -17.53 -43.39
CA ALA A 495 -0.64 -17.49 -41.93
C ALA A 495 0.73 -17.14 -41.38
N LYS A 496 0.74 -16.32 -40.34
CA LYS A 496 1.97 -16.04 -39.62
C LYS A 496 2.04 -16.72 -38.28
N TYR A 497 0.95 -17.00 -37.60
CA TYR A 497 0.99 -17.68 -36.32
C TYR A 497 -0.31 -18.20 -35.90
N TYR A 498 -0.34 -19.33 -35.22
CA TYR A 498 -1.53 -19.76 -34.51
C TYR A 498 -1.83 -18.77 -33.41
N THR A 499 -3.05 -18.24 -33.40
CA THR A 499 -3.45 -17.20 -32.46
C THR A 499 -4.73 -17.61 -31.76
N LEU A 500 -4.78 -17.38 -30.45
CA LEU A 500 -5.92 -17.75 -29.62
C LEU A 500 -6.98 -16.64 -29.67
N PHE A 501 -8.19 -17.01 -30.08
CA PHE A 501 -9.33 -16.12 -30.21
C PHE A 501 -10.45 -16.57 -29.27
N GLY A 502 -11.29 -15.62 -28.89
CA GLY A 502 -12.44 -15.96 -28.09
C GLY A 502 -13.20 -14.72 -27.65
N ARG A 503 -14.31 -14.98 -26.94
CA ARG A 503 -15.06 -13.93 -26.27
C ARG A 503 -14.32 -13.51 -25.00
N SER A 504 -14.38 -12.22 -24.69
CA SER A 504 -13.44 -11.65 -23.71
C SER A 504 -14.13 -10.64 -22.79
N TYR A 505 -13.54 -10.46 -21.60
CA TYR A 505 -13.88 -9.32 -20.75
C TYR A 505 -13.02 -8.13 -21.18
N GLY B 8 29.52 17.70 -1.29
CA GLY B 8 28.53 17.31 -0.29
C GLY B 8 27.34 18.26 -0.22
N LEU B 9 26.99 18.69 0.98
CA LEU B 9 25.89 19.62 1.18
C LEU B 9 26.38 21.06 1.15
N GLU B 10 25.49 21.98 0.74
CA GLU B 10 25.83 23.39 0.62
C GLU B 10 25.20 24.23 1.72
N ALA B 11 23.87 24.33 1.77
CA ALA B 11 23.20 25.15 2.76
C ALA B 11 23.42 24.62 4.17
N LYS B 12 23.29 25.51 5.16
CA LYS B 12 23.51 25.14 6.53
C LYS B 12 22.23 25.30 7.35
N LYS B 13 22.01 24.35 8.27
CA LYS B 13 20.72 24.24 8.94
C LYS B 13 20.38 25.48 9.76
N GLU B 14 21.36 26.01 10.51
CA GLU B 14 21.13 27.17 11.36
C GLU B 14 20.98 28.47 10.59
N GLU B 15 21.34 28.50 9.30
CA GLU B 15 21.29 29.73 8.52
C GLU B 15 20.03 29.85 7.67
N ASN B 16 19.85 28.93 6.73
CA ASN B 16 18.73 28.94 5.78
C ASN B 16 18.01 27.59 5.86
N LEU B 17 17.01 27.48 6.75
CA LEU B 17 16.42 26.17 7.01
C LEU B 17 15.67 25.63 5.80
N ALA B 18 14.95 26.47 5.07
CA ALA B 18 14.19 25.97 3.92
C ALA B 18 15.11 25.44 2.83
N ASP B 19 16.20 26.18 2.55
CA ASP B 19 17.21 25.73 1.59
C ASP B 19 17.90 24.45 2.05
N TRP B 20 18.30 24.41 3.32
CA TRP B 20 18.90 23.22 3.89
C TRP B 20 17.99 22.02 3.71
N TYR B 21 16.69 22.19 4.00
CA TYR B 21 15.74 21.08 3.93
C TYR B 21 15.57 20.58 2.50
N SER B 22 15.37 21.52 1.55
CA SER B 22 15.31 21.15 0.14
C SER B 22 16.54 20.35 -0.28
N GLN B 23 17.74 20.82 0.10
CA GLN B 23 18.96 20.12 -0.27
C GLN B 23 19.05 18.74 0.36
N VAL B 24 18.74 18.64 1.66
CA VAL B 24 18.86 17.33 2.31
C VAL B 24 17.92 16.33 1.65
N ILE B 25 16.67 16.72 1.42
CA ILE B 25 15.72 15.72 0.91
C ILE B 25 16.01 15.34 -0.54
N THR B 26 16.62 16.24 -1.32
CA THR B 26 16.91 15.85 -2.69
C THR B 26 18.25 15.11 -2.80
N LYS B 27 19.28 15.57 -2.09
CA LYS B 27 20.60 14.95 -2.19
C LYS B 27 20.67 13.60 -1.49
N SER B 28 19.81 13.34 -0.50
CA SER B 28 19.68 11.98 0.02
C SER B 28 18.79 11.11 -0.87
N GLU B 29 18.28 11.67 -1.98
CA GLU B 29 17.44 10.96 -2.94
C GLU B 29 16.16 10.47 -2.28
N MET B 30 15.61 11.29 -1.38
CA MET B 30 14.34 10.94 -0.76
C MET B 30 13.17 11.48 -1.56
N ILE B 31 13.35 12.63 -2.19
CA ILE B 31 12.27 13.41 -2.76
C ILE B 31 12.68 13.86 -4.16
N GLU B 32 11.74 13.85 -5.09
CA GLU B 32 11.95 14.52 -6.37
C GLU B 32 10.76 15.41 -6.61
N TYR B 33 11.01 16.55 -7.25
CA TYR B 33 9.94 17.47 -7.56
C TYR B 33 9.14 17.01 -8.78
N HIS B 34 7.83 17.18 -8.70
CA HIS B 34 6.92 16.83 -9.79
C HIS B 34 6.65 18.06 -10.65
N ASP B 35 6.19 17.81 -11.88
CA ASP B 35 5.90 18.91 -12.81
C ASP B 35 4.73 19.77 -12.34
N ILE B 36 3.80 19.21 -11.59
CA ILE B 36 2.76 20.00 -10.95
C ILE B 36 3.40 20.65 -9.73
N SER B 37 3.51 21.98 -9.76
CA SER B 37 4.11 22.71 -8.64
C SER B 37 3.38 22.36 -7.36
N GLY B 38 4.18 22.13 -6.36
CA GLY B 38 3.70 21.73 -5.10
C GLY B 38 3.39 20.28 -4.95
N CYS B 39 3.80 19.41 -5.88
CA CYS B 39 3.55 17.95 -5.82
C CYS B 39 4.87 17.18 -5.79
N TYR B 40 5.01 16.18 -4.90
CA TYR B 40 6.29 15.47 -4.74
C TYR B 40 6.35 13.97 -4.95
N ILE B 41 7.51 13.45 -5.31
CA ILE B 41 7.73 12.03 -5.57
C ILE B 41 8.50 11.45 -4.40
N LEU B 42 7.98 10.38 -3.81
CA LEU B 42 8.69 9.64 -2.75
C LEU B 42 9.57 8.58 -3.42
N ARG B 43 10.87 8.82 -3.45
CA ARG B 43 11.81 7.88 -4.04
C ARG B 43 12.00 6.73 -3.06
N PRO B 44 12.67 5.65 -3.50
CA PRO B 44 12.81 4.44 -2.64
C PRO B 44 13.44 4.68 -1.27
N TRP B 45 14.40 5.59 -1.17
CA TRP B 45 15.06 5.80 0.11
C TRP B 45 14.08 6.35 1.15
N ALA B 46 13.11 7.17 0.74
CA ALA B 46 12.06 7.67 1.61
C ALA B 46 10.97 6.63 1.85
N TYR B 47 10.57 5.96 0.76
CA TYR B 47 9.50 4.99 0.85
C TYR B 47 9.87 3.82 1.76
N ALA B 48 11.17 3.47 1.86
CA ALA B 48 11.56 2.40 2.77
C ALA B 48 11.37 2.79 4.24
N ILE B 49 11.55 4.06 4.58
CA ILE B 49 11.22 4.47 5.94
C ILE B 49 9.72 4.33 6.17
N TRP B 50 8.92 4.79 5.20
CA TRP B 50 7.48 4.55 5.34
C TRP B 50 7.16 3.07 5.52
N GLU B 51 7.82 2.20 4.75
CA GLU B 51 7.56 0.76 4.86
C GLU B 51 7.96 0.22 6.23
N ALA B 52 9.07 0.69 6.78
CA ALA B 52 9.46 0.29 8.12
C ALA B 52 8.40 0.69 9.15
N ILE B 53 7.85 1.89 9.00
CA ILE B 53 6.84 2.32 9.96
C ILE B 53 5.57 1.50 9.78
N LYS B 54 5.20 1.25 8.53
CA LYS B 54 4.03 0.45 8.24
C LYS B 54 4.17 -0.95 8.82
N ASP B 55 5.37 -1.53 8.74
CA ASP B 55 5.55 -2.88 9.26
C ASP B 55 5.27 -2.92 10.75
N PHE B 56 5.92 -2.00 11.49
CA PHE B 56 5.71 -2.00 12.93
C PHE B 56 4.23 -1.81 13.28
N PHE B 57 3.62 -0.77 12.71
CA PHE B 57 2.31 -0.35 13.18
C PHE B 57 1.22 -1.30 12.70
N ASP B 58 1.39 -1.86 11.50
CA ASP B 58 0.44 -2.83 10.99
C ASP B 58 0.38 -4.05 11.91
N ALA B 59 1.55 -4.57 12.31
CA ALA B 59 1.57 -5.68 13.25
C ALA B 59 0.85 -5.32 14.55
N GLU B 60 1.15 -4.14 15.09
CA GLU B 60 0.57 -3.71 16.36
C GLU B 60 -0.95 -3.63 16.29
N ILE B 61 -1.51 -3.02 15.23
CA ILE B 61 -2.97 -2.88 15.23
C ILE B 61 -3.63 -4.24 14.92
N LYS B 62 -2.97 -5.15 14.20
CA LYS B 62 -3.58 -6.47 14.08
C LYS B 62 -3.70 -7.15 15.43
N LYS B 63 -2.72 -6.94 16.33
CA LYS B 63 -2.86 -7.49 17.68
C LYS B 63 -4.08 -6.94 18.42
N LEU B 64 -4.59 -5.76 18.03
CA LEU B 64 -5.77 -5.16 18.63
C LEU B 64 -7.07 -5.57 17.94
N GLY B 65 -7.03 -6.42 16.91
CA GLY B 65 -8.24 -6.83 16.24
C GLY B 65 -8.60 -6.04 15.01
N VAL B 66 -7.76 -5.09 14.58
CA VAL B 66 -8.06 -4.28 13.41
C VAL B 66 -7.73 -5.04 12.13
N GLU B 67 -8.58 -4.93 11.12
CA GLU B 67 -8.38 -5.60 9.84
C GLU B 67 -8.18 -4.56 8.75
N ASN B 68 -7.30 -4.85 7.77
CA ASN B 68 -7.12 -3.93 6.66
C ASN B 68 -8.18 -4.16 5.59
N CYS B 69 -8.42 -3.11 4.80
CA CYS B 69 -9.44 -3.11 3.77
C CYS B 69 -9.11 -1.98 2.81
N TYR B 70 -9.99 -1.78 1.82
CA TYR B 70 -9.79 -0.65 0.91
C TYR B 70 -11.14 -0.18 0.41
N PHE B 71 -11.47 1.14 0.67
CA PHE B 71 -12.66 1.88 0.25
C PHE B 71 -12.33 2.79 -0.92
N PRO B 72 -13.32 3.06 -1.78
CA PRO B 72 -13.08 3.89 -2.97
C PRO B 72 -12.54 5.27 -2.62
N MET B 73 -11.82 5.84 -3.57
CA MET B 73 -11.29 7.18 -3.45
C MET B 73 -12.36 8.25 -3.59
N PHE B 74 -13.51 7.94 -4.20
CA PHE B 74 -14.48 8.98 -4.54
C PHE B 74 -15.67 9.01 -3.58
N VAL B 75 -16.15 10.23 -3.32
CA VAL B 75 -17.29 10.51 -2.45
C VAL B 75 -18.34 11.23 -3.27
N SER B 76 -19.60 10.93 -2.99
CA SER B 76 -20.70 11.63 -3.63
C SER B 76 -21.02 12.90 -2.86
N GLN B 77 -21.69 13.83 -3.55
CA GLN B 77 -22.23 15.01 -2.89
C GLN B 77 -23.15 14.62 -1.73
N SER B 78 -24.00 13.61 -1.93
CA SER B 78 -24.96 13.22 -0.90
C SER B 78 -24.25 12.90 0.41
N ALA B 79 -23.28 11.98 0.36
CA ALA B 79 -22.59 11.56 1.56
C ALA B 79 -21.76 12.68 2.17
N LEU B 80 -21.10 13.49 1.32
CA LEU B 80 -20.11 14.42 1.84
C LEU B 80 -20.73 15.46 2.77
N GLU B 81 -22.01 15.77 2.61
CA GLU B 81 -22.66 16.80 3.40
C GLU B 81 -23.44 16.27 4.60
N LYS B 82 -23.49 14.95 4.81
CA LYS B 82 -24.44 14.41 5.78
C LYS B 82 -24.05 14.75 7.22
N GLU B 83 -22.77 14.95 7.52
CA GLU B 83 -22.36 15.61 8.75
C GLU B 83 -21.89 17.01 8.35
N LYS B 84 -22.64 18.03 8.79
CA LYS B 84 -22.45 19.38 8.27
C LYS B 84 -21.17 20.05 8.77
N THR B 85 -20.70 19.76 9.99
CA THR B 85 -19.54 20.46 10.55
C THR B 85 -18.24 19.89 10.00
N HIS B 86 -18.15 18.56 9.93
CA HIS B 86 -17.04 17.89 9.23
C HIS B 86 -16.86 18.44 7.81
N VAL B 87 -17.95 18.42 7.04
CA VAL B 87 -17.89 18.92 5.66
C VAL B 87 -17.59 20.42 5.64
N ALA B 88 -18.14 21.19 6.59
CA ALA B 88 -17.82 22.62 6.59
C ALA B 88 -16.34 22.82 6.80
N ASP B 89 -15.72 21.97 7.63
CA ASP B 89 -14.29 22.11 7.90
C ASP B 89 -13.46 21.74 6.67
N PHE B 90 -13.88 20.72 5.92
CA PHE B 90 -13.03 20.27 4.82
C PHE B 90 -13.36 20.83 3.44
N ALA B 91 -14.55 21.40 3.25
CA ALA B 91 -15.04 21.73 1.91
C ALA B 91 -14.10 22.60 1.07
N PRO B 92 -13.47 23.66 1.58
CA PRO B 92 -12.64 24.51 0.71
C PRO B 92 -11.44 23.80 0.06
N GLU B 93 -11.05 22.62 0.53
CA GLU B 93 -9.85 21.95 0.05
C GLU B 93 -10.16 20.56 -0.51
N VAL B 94 -11.43 20.31 -0.84
CA VAL B 94 -11.84 19.06 -1.46
C VAL B 94 -11.70 19.19 -2.96
N ALA B 95 -10.92 18.30 -3.56
CA ALA B 95 -10.78 18.28 -5.01
C ALA B 95 -11.99 17.61 -5.65
N TRP B 96 -12.43 18.15 -6.79
CA TRP B 96 -13.66 17.72 -7.47
C TRP B 96 -13.37 17.28 -8.90
N VAL B 97 -13.81 16.07 -9.22
CA VAL B 97 -13.74 15.54 -10.57
C VAL B 97 -14.98 15.96 -11.33
N THR B 98 -14.80 16.61 -12.48
CA THR B 98 -15.94 17.14 -13.21
C THR B 98 -16.06 16.62 -14.65
N ARG B 99 -15.04 15.93 -15.17
CA ARG B 99 -15.23 15.31 -16.47
C ARG B 99 -14.32 14.11 -16.61
N SER B 100 -14.73 13.20 -17.50
CA SER B 100 -13.90 12.10 -17.96
C SER B 100 -13.64 12.33 -19.44
N GLY B 101 -12.38 12.42 -19.81
CA GLY B 101 -12.07 12.78 -21.19
C GLY B 101 -12.67 14.14 -21.51
N LYS B 102 -13.47 14.21 -22.57
CA LYS B 102 -14.17 15.43 -22.90
C LYS B 102 -15.59 15.47 -22.36
N THR B 103 -16.07 14.39 -21.75
CA THR B 103 -17.47 14.28 -21.38
C THR B 103 -17.66 14.78 -19.95
N GLU B 104 -18.39 15.88 -19.81
CA GLU B 104 -18.75 16.38 -18.49
C GLU B 104 -19.65 15.37 -17.76
N LEU B 105 -19.39 15.17 -16.49
CA LEU B 105 -20.20 14.25 -15.70
C LEU B 105 -21.52 14.91 -15.33
N ALA B 106 -22.58 14.09 -15.30
CA ALA B 106 -23.88 14.61 -14.86
C ALA B 106 -23.78 15.19 -13.47
N GLU B 107 -22.94 14.57 -12.63
CA GLU B 107 -22.74 14.91 -11.23
C GLU B 107 -21.24 15.03 -10.99
N PRO B 108 -20.76 16.10 -10.39
CA PRO B 108 -19.37 16.10 -9.94
C PRO B 108 -19.15 15.14 -8.78
N ILE B 109 -17.91 14.66 -8.66
CA ILE B 109 -17.54 13.65 -7.66
C ILE B 109 -16.29 14.12 -6.93
N ALA B 110 -16.27 13.94 -5.62
CA ALA B 110 -15.17 14.46 -4.81
C ALA B 110 -14.14 13.38 -4.50
N ILE B 111 -12.87 13.80 -4.40
CA ILE B 111 -11.80 12.93 -3.93
C ILE B 111 -11.73 13.01 -2.41
N ARG B 112 -11.57 11.86 -1.77
CA ARG B 112 -11.56 11.80 -0.31
C ARG B 112 -10.48 12.71 0.27
N PRO B 113 -10.81 13.57 1.24
CA PRO B 113 -9.76 14.20 2.06
C PRO B 113 -9.51 13.38 3.31
N THR B 114 -10.44 12.46 3.57
CA THR B 114 -10.51 11.59 4.74
C THR B 114 -11.78 10.76 4.57
N SER B 115 -11.82 9.52 5.06
CA SER B 115 -12.83 8.62 4.52
C SER B 115 -14.02 8.36 5.43
N GLU B 116 -14.23 9.16 6.49
CA GLU B 116 -15.43 9.01 7.32
C GLU B 116 -16.70 8.95 6.46
N THR B 117 -16.82 9.84 5.48
CA THR B 117 -18.01 9.91 4.64
C THR B 117 -18.02 8.85 3.53
N VAL B 118 -16.93 8.14 3.29
CA VAL B 118 -17.00 7.00 2.38
C VAL B 118 -17.41 5.74 3.13
N MET B 119 -16.83 5.53 4.32
CA MET B 119 -16.98 4.29 5.06
C MET B 119 -18.30 4.21 5.83
N TYR B 120 -18.82 5.34 6.32
CA TYR B 120 -19.87 5.21 7.33
C TYR B 120 -21.22 4.80 6.74
N PRO B 121 -21.56 5.16 5.50
CA PRO B 121 -22.72 4.48 4.87
C PRO B 121 -22.59 2.95 4.87
N ALA B 122 -21.39 2.44 4.62
CA ALA B 122 -21.18 1.00 4.63
C ALA B 122 -21.34 0.43 6.04
N TYR B 123 -20.72 1.08 7.04
CA TYR B 123 -20.93 0.70 8.44
C TYR B 123 -22.42 0.61 8.77
N ALA B 124 -23.19 1.63 8.36
CA ALA B 124 -24.62 1.61 8.65
C ALA B 124 -25.29 0.39 8.03
N LYS B 125 -24.84 -0.03 6.83
CA LYS B 125 -25.40 -1.23 6.21
C LYS B 125 -25.04 -2.50 7.00
N TRP B 126 -23.80 -2.58 7.50
CA TRP B 126 -23.31 -3.82 8.11
C TRP B 126 -23.78 -4.03 9.55
N VAL B 127 -24.29 -3.00 10.22
CA VAL B 127 -24.61 -3.11 11.64
C VAL B 127 -26.12 -3.28 11.78
N GLN B 128 -26.56 -4.46 12.17
CA GLN B 128 -27.98 -4.76 12.33
C GLN B 128 -28.29 -5.25 13.74
N SER B 129 -27.29 -5.45 14.57
CA SER B 129 -27.43 -6.02 15.89
C SER B 129 -26.11 -5.80 16.61
N HIS B 130 -26.11 -6.01 17.93
CA HIS B 130 -24.90 -5.78 18.71
C HIS B 130 -23.85 -6.84 18.49
N ARG B 131 -24.22 -7.99 17.92
CA ARG B 131 -23.19 -8.95 17.56
C ARG B 131 -22.44 -8.55 16.28
N ASP B 132 -22.88 -7.50 15.59
CA ASP B 132 -22.17 -6.96 14.45
C ASP B 132 -21.10 -5.96 14.85
N LEU B 133 -20.91 -5.74 16.14
CA LEU B 133 -19.92 -4.83 16.67
C LEU B 133 -18.94 -5.61 17.55
N PRO B 134 -17.69 -5.15 17.67
CA PRO B 134 -17.16 -3.97 16.99
C PRO B 134 -16.74 -4.22 15.52
N ILE B 135 -16.61 -3.13 14.78
CA ILE B 135 -16.02 -3.09 13.44
C ILE B 135 -14.72 -2.30 13.57
N LYS B 136 -13.60 -2.93 13.28
CA LYS B 136 -12.29 -2.30 13.41
C LYS B 136 -11.60 -2.42 12.05
N LEU B 137 -11.55 -1.32 11.28
CA LEU B 137 -10.99 -1.38 9.94
C LEU B 137 -9.94 -0.29 9.77
N ASN B 138 -8.97 -0.57 8.91
CA ASN B 138 -7.83 0.29 8.64
C ASN B 138 -7.55 0.22 7.16
N GLN B 139 -7.12 1.33 6.57
CA GLN B 139 -6.60 1.21 5.23
C GLN B 139 -5.38 2.09 5.06
N TRP B 140 -4.40 1.57 4.33
CA TRP B 140 -3.22 2.28 3.89
C TRP B 140 -3.50 2.86 2.51
N CYS B 141 -3.55 4.18 2.39
CA CYS B 141 -3.87 4.79 1.10
C CYS B 141 -3.34 6.20 0.96
N ASN B 142 -3.97 6.96 0.06
CA ASN B 142 -3.56 8.34 -0.17
C ASN B 142 -4.79 9.23 -0.09
N VAL B 143 -4.64 10.45 0.45
CA VAL B 143 -5.75 11.39 0.46
C VAL B 143 -5.27 12.72 -0.11
N VAL B 144 -6.23 13.55 -0.53
CA VAL B 144 -5.96 14.84 -1.16
C VAL B 144 -6.61 15.93 -0.31
N ARG B 145 -5.80 16.91 0.13
CA ARG B 145 -6.29 18.11 0.80
C ARG B 145 -5.64 19.27 0.03
N TRP B 146 -6.37 19.82 -0.91
CA TRP B 146 -5.78 20.70 -1.91
C TRP B 146 -5.98 22.11 -1.41
N GLU B 147 -5.10 22.50 -0.49
CA GLU B 147 -5.09 23.86 0.01
C GLU B 147 -4.15 24.70 -0.84
N PHE B 148 -4.45 25.99 -0.91
CA PHE B 148 -3.67 26.87 -1.76
C PHE B 148 -2.51 27.53 -1.04
N LYS B 149 -2.35 27.30 0.26
CA LYS B 149 -1.09 27.69 0.90
C LYS B 149 0.04 26.86 0.32
N HIS B 150 1.24 27.35 0.52
CA HIS B 150 2.33 26.69 -0.20
C HIS B 150 2.78 25.44 0.57
N PRO B 151 2.97 24.32 -0.11
CA PRO B 151 3.27 23.05 0.56
C PRO B 151 4.75 22.96 0.90
N GLN B 152 5.04 22.07 1.84
CA GLN B 152 6.39 21.71 2.20
C GLN B 152 6.52 20.19 2.14
N PRO B 153 7.52 19.65 1.43
CA PRO B 153 7.64 18.20 1.29
C PRO B 153 7.59 17.48 2.63
N PHE B 154 6.85 16.37 2.66
CA PHE B 154 6.60 15.55 3.84
C PHE B 154 5.74 16.24 4.90
N LEU B 155 6.00 17.51 5.18
CA LEU B 155 5.37 18.12 6.34
C LEU B 155 3.94 18.58 6.08
N ARG B 156 3.65 19.20 4.98
CA ARG B 156 2.32 19.69 4.64
C ARG B 156 2.15 19.62 3.16
N THR B 157 1.46 18.60 2.63
CA THR B 157 1.34 18.38 1.20
C THR B 157 -0.11 18.23 0.79
N ARG B 158 -0.36 18.42 -0.52
CA ARG B 158 -1.72 18.36 -1.05
C ARG B 158 -2.19 16.93 -1.22
N GLU B 159 -1.27 16.03 -1.51
CA GLU B 159 -1.54 14.59 -1.49
C GLU B 159 -0.51 13.95 -0.58
N PHE B 160 -0.92 12.92 0.16
CA PHE B 160 0.05 12.24 1.00
C PHE B 160 -0.45 10.83 1.30
N LEU B 161 0.48 9.98 1.68
CA LEU B 161 0.13 8.65 2.13
C LEU B 161 -0.15 8.69 3.62
N TRP B 162 -1.04 7.81 4.05
CA TRP B 162 -1.27 7.65 5.48
C TRP B 162 -1.90 6.29 5.72
N GLN B 163 -2.27 6.08 6.96
CA GLN B 163 -3.17 5.04 7.35
C GLN B 163 -4.29 5.74 8.10
N GLU B 164 -5.52 5.30 7.88
CA GLU B 164 -6.62 5.79 8.68
C GLU B 164 -7.41 4.59 9.17
N GLY B 165 -7.61 4.54 10.48
CA GLY B 165 -8.29 3.45 11.15
C GLY B 165 -9.62 3.99 11.66
N HIS B 166 -10.66 3.17 11.52
CA HIS B 166 -12.02 3.57 11.84
C HIS B 166 -12.65 2.43 12.60
N SER B 167 -13.07 2.69 13.81
CA SER B 167 -13.68 1.73 14.69
C SER B 167 -15.05 2.10 15.19
N ALA B 168 -15.95 1.14 15.28
CA ALA B 168 -17.27 1.39 15.84
C ALA B 168 -17.54 0.35 16.93
N PHE B 169 -18.13 0.79 18.05
CA PHE B 169 -18.30 -0.04 19.23
C PHE B 169 -19.69 0.12 19.80
N ALA B 170 -20.16 -0.92 20.53
CA ALA B 170 -21.46 -0.84 21.19
C ALA B 170 -21.45 0.06 22.42
N THR B 171 -20.33 0.11 23.16
CA THR B 171 -20.26 0.87 24.40
C THR B 171 -19.17 1.91 24.32
N MET B 172 -19.24 2.89 25.23
CA MET B 172 -18.23 3.94 25.21
C MET B 172 -16.91 3.48 25.82
N GLU B 173 -16.96 2.61 26.83
CA GLU B 173 -15.74 2.16 27.50
C GLU B 173 -14.73 1.56 26.52
N GLU B 174 -15.19 0.73 25.58
CA GLU B 174 -14.28 0.10 24.62
C GLU B 174 -13.67 1.13 23.67
N ALA B 175 -14.48 2.10 23.23
CA ALA B 175 -13.98 3.12 22.32
C ALA B 175 -12.95 4.00 23.01
N ALA B 176 -13.24 4.38 24.26
CA ALA B 176 -12.33 5.22 25.04
C ALA B 176 -11.00 4.51 25.23
N GLU B 177 -11.03 3.20 25.48
CA GLU B 177 -9.78 2.46 25.58
C GLU B 177 -9.00 2.45 24.26
N GLU B 178 -9.69 2.26 23.12
CA GLU B 178 -8.95 2.20 21.85
C GLU B 178 -8.26 3.52 21.53
N VAL B 179 -8.94 4.65 21.77
CA VAL B 179 -8.36 5.97 21.50
C VAL B 179 -6.96 6.05 22.11
N LEU B 180 -6.84 5.66 23.37
CA LEU B 180 -5.57 5.75 24.10
C LEU B 180 -4.58 4.69 23.66
N GLN B 181 -5.05 3.49 23.30
CA GLN B 181 -4.10 2.48 22.81
C GLN B 181 -3.45 2.91 21.49
N ILE B 182 -4.25 3.40 20.54
CA ILE B 182 -3.67 3.86 19.28
C ILE B 182 -2.74 5.04 19.53
N LEU B 183 -3.15 5.98 20.41
CA LEU B 183 -2.27 7.10 20.70
C LEU B 183 -0.94 6.63 21.24
N ASP B 184 -0.96 5.61 22.10
CA ASP B 184 0.32 5.13 22.61
C ASP B 184 1.16 4.52 21.49
N LEU B 185 0.53 3.83 20.55
CA LEU B 185 1.28 3.28 19.42
C LEU B 185 1.92 4.39 18.57
N TYR B 186 1.22 5.50 18.37
CA TYR B 186 1.84 6.58 17.61
C TYR B 186 3.06 7.14 18.36
N ALA B 187 2.93 7.26 19.69
CA ALA B 187 4.06 7.70 20.51
C ALA B 187 5.23 6.74 20.38
N GLN B 188 4.93 5.45 20.32
CA GLN B 188 5.96 4.45 20.04
C GLN B 188 6.60 4.65 18.66
N VAL B 189 5.78 4.86 17.62
CA VAL B 189 6.37 5.11 16.30
C VAL B 189 7.40 6.22 16.43
N TYR B 190 7.02 7.31 17.11
CA TYR B 190 7.90 8.47 17.13
C TYR B 190 9.11 8.26 18.03
N GLU B 191 8.91 7.67 19.20
CA GLU B 191 9.96 7.64 20.20
C GLU B 191 10.86 6.43 20.02
N GLU B 192 10.28 5.26 19.72
CA GLU B 192 11.08 4.05 19.64
C GLU B 192 11.54 3.73 18.22
N LEU B 193 10.78 4.10 17.19
CA LEU B 193 11.28 3.91 15.84
C LEU B 193 12.12 5.09 15.34
N LEU B 194 11.60 6.33 15.43
CA LEU B 194 12.24 7.50 14.83
C LEU B 194 13.08 8.29 15.82
N ALA B 195 13.15 7.87 17.09
CA ALA B 195 13.96 8.53 18.12
C ALA B 195 13.55 9.99 18.33
N ILE B 196 12.28 10.30 18.19
CA ILE B 196 11.76 11.66 18.37
C ILE B 196 10.87 11.67 19.61
N PRO B 197 11.13 12.54 20.59
CA PRO B 197 10.22 12.62 21.75
C PRO B 197 8.98 13.43 21.42
N VAL B 198 7.86 13.02 22.00
CA VAL B 198 6.58 13.67 21.75
C VAL B 198 5.88 13.96 23.06
N VAL B 199 4.91 14.88 22.99
CA VAL B 199 4.01 15.22 24.08
C VAL B 199 2.64 14.70 23.72
N LYS B 200 2.12 13.78 24.54
CA LYS B 200 0.73 13.35 24.38
C LYS B 200 -0.22 14.38 24.98
N GLY B 201 -1.32 14.65 24.30
CA GLY B 201 -2.27 15.57 24.89
C GLY B 201 -3.59 15.51 24.15
N ARG B 202 -4.50 16.39 24.56
CA ARG B 202 -5.81 16.52 23.94
C ARG B 202 -5.92 17.89 23.30
N LYS B 203 -6.59 17.97 22.15
CA LYS B 203 -6.68 19.24 21.44
C LYS B 203 -7.71 20.13 22.13
N THR B 204 -7.46 21.44 22.12
CA THR B 204 -8.43 22.40 22.60
C THR B 204 -9.68 22.33 21.74
N GLU B 205 -10.76 22.96 22.22
CA GLU B 205 -12.01 22.95 21.46
C GLU B 205 -11.82 23.52 20.06
N LYS B 206 -10.97 24.54 19.93
CA LYS B 206 -10.81 25.18 18.63
C LYS B 206 -10.11 24.26 17.64
N GLU B 207 -9.20 23.41 18.12
CA GLU B 207 -8.35 22.63 17.23
C GLU B 207 -8.82 21.19 17.07
N LYS B 208 -9.82 20.74 17.83
CA LYS B 208 -10.24 19.35 17.72
C LYS B 208 -10.89 19.08 16.35
N PHE B 209 -11.08 17.79 16.09
CA PHE B 209 -11.66 17.33 14.82
C PHE B 209 -13.12 17.78 14.72
N ALA B 210 -13.42 18.54 13.66
CA ALA B 210 -14.77 19.05 13.47
C ALA B 210 -15.79 17.92 13.45
N GLY B 211 -16.83 18.06 14.26
CA GLY B 211 -17.83 17.04 14.40
C GLY B 211 -17.49 15.95 15.40
N GLY B 212 -16.24 15.86 15.85
CA GLY B 212 -15.88 14.85 16.83
C GLY B 212 -16.20 15.28 18.24
N ASP B 213 -16.02 14.33 19.17
CA ASP B 213 -16.21 14.57 20.59
C ASP B 213 -14.94 15.14 21.22
N TYR B 214 -13.83 14.40 21.12
CA TYR B 214 -12.55 14.95 21.52
C TYR B 214 -11.45 14.32 20.67
N THR B 215 -10.32 15.02 20.60
CA THR B 215 -9.20 14.61 19.77
C THR B 215 -7.97 14.49 20.65
N THR B 216 -7.26 13.37 20.55
CA THR B 216 -5.98 13.25 21.21
C THR B 216 -4.88 13.32 20.16
N THR B 217 -3.70 13.72 20.59
CA THR B 217 -2.66 14.06 19.64
C THR B 217 -1.29 13.85 20.26
N ILE B 218 -0.27 13.75 19.41
CA ILE B 218 1.13 13.79 19.85
C ILE B 218 1.81 14.95 19.13
N GLU B 219 2.58 15.74 19.88
CA GLU B 219 3.22 16.90 19.30
C GLU B 219 4.74 16.75 19.40
N ALA B 220 5.43 17.12 18.32
CA ALA B 220 6.88 17.10 18.27
C ALA B 220 7.40 18.51 18.04
N PHE B 221 8.56 18.78 18.62
CA PHE B 221 9.22 20.06 18.55
C PHE B 221 10.37 20.01 17.54
N ILE B 222 10.48 21.04 16.70
CA ILE B 222 11.57 21.17 15.74
C ILE B 222 12.46 22.33 16.22
N SER B 223 13.53 22.00 16.95
CA SER B 223 14.45 23.02 17.47
C SER B 223 14.84 24.03 16.41
N ALA B 224 15.28 23.56 15.23
CA ALA B 224 15.88 24.43 14.24
C ALA B 224 14.99 25.62 13.89
N SER B 225 13.68 25.39 13.83
CA SER B 225 12.74 26.44 13.48
C SER B 225 11.93 26.94 14.66
N GLY B 226 12.09 26.35 15.84
CA GLY B 226 11.29 26.75 16.98
C GLY B 226 9.80 26.50 16.83
N ARG B 227 9.40 25.68 15.87
CA ARG B 227 8.00 25.34 15.66
C ARG B 227 7.72 23.90 16.09
N ALA B 228 6.52 23.67 16.59
CA ALA B 228 6.02 22.35 16.91
C ALA B 228 5.10 21.87 15.78
N ILE B 229 4.85 20.56 15.76
CA ILE B 229 4.06 19.97 14.69
C ILE B 229 3.30 18.76 15.21
N GLN B 230 2.06 18.60 14.74
CA GLN B 230 1.22 17.49 15.17
C GLN B 230 1.63 16.22 14.43
N GLY B 231 2.06 15.20 15.16
CA GLY B 231 2.62 14.00 14.55
C GLY B 231 1.62 12.93 14.17
N GLY B 232 0.46 12.91 14.81
CA GLY B 232 -0.55 11.88 14.59
C GLY B 232 -1.73 12.22 15.49
N THR B 233 -2.89 11.61 15.17
CA THR B 233 -4.11 11.94 15.89
C THR B 233 -5.02 10.73 16.03
N SER B 234 -5.77 10.74 17.12
CA SER B 234 -6.68 9.65 17.44
C SER B 234 -7.92 10.30 18.03
N HIS B 235 -8.99 10.35 17.24
CA HIS B 235 -10.22 11.03 17.59
C HIS B 235 -11.20 10.08 18.28
N HIS B 236 -11.91 10.57 19.26
CA HIS B 236 -13.13 9.92 19.71
C HIS B 236 -14.28 10.67 19.07
N LEU B 237 -15.01 10.02 18.17
CA LEU B 237 -16.09 10.67 17.46
C LEU B 237 -17.42 10.57 18.20
N GLY B 238 -17.44 9.86 19.32
CA GLY B 238 -18.68 9.63 20.05
C GLY B 238 -19.74 9.10 19.11
N GLN B 239 -20.94 9.66 19.24
CA GLN B 239 -22.09 9.29 18.41
C GLN B 239 -22.44 10.36 17.39
N ASN B 240 -21.58 11.36 17.21
CA ASN B 240 -21.89 12.44 16.26
C ASN B 240 -22.00 11.91 14.83
N PHE B 241 -21.17 10.95 14.46
CA PHE B 241 -21.25 10.45 13.09
C PHE B 241 -22.28 9.34 12.94
N SER B 242 -22.43 8.47 13.94
CA SER B 242 -23.42 7.40 13.83
C SER B 242 -24.83 7.96 13.78
N LYS B 243 -25.09 9.07 14.47
CA LYS B 243 -26.42 9.67 14.39
C LYS B 243 -26.69 10.27 13.02
N MET B 244 -25.67 10.82 12.35
CA MET B 244 -25.88 11.35 11.01
C MET B 244 -25.97 10.26 9.96
N PHE B 245 -25.17 9.20 10.06
CA PHE B 245 -25.23 8.14 9.07
C PHE B 245 -26.14 6.97 9.46
N GLU B 246 -26.92 7.11 10.53
CA GLU B 246 -27.81 6.06 11.07
C GLU B 246 -27.07 4.73 11.19
N ILE B 247 -25.96 4.71 11.92
CA ILE B 247 -25.33 3.46 12.32
C ILE B 247 -25.97 3.08 13.66
N VAL B 248 -27.03 2.27 13.59
CA VAL B 248 -27.84 1.94 14.75
C VAL B 248 -27.96 0.44 14.88
N PHE B 249 -28.07 -0.02 16.13
CA PHE B 249 -28.25 -1.43 16.42
C PHE B 249 -29.28 -1.55 17.54
N GLU B 250 -29.84 -2.74 17.68
CA GLU B 250 -30.75 -3.05 18.76
C GLU B 250 -30.18 -4.18 19.59
N ASP B 251 -30.16 -3.98 20.92
CA ASP B 251 -29.81 -4.99 21.91
C ASP B 251 -31.08 -5.52 22.55
N PRO B 252 -31.24 -6.84 22.66
CA PRO B 252 -32.34 -7.38 23.49
C PRO B 252 -32.31 -6.87 24.92
N LYS B 253 -31.12 -6.49 25.41
CA LYS B 253 -30.97 -5.89 26.73
C LYS B 253 -31.83 -4.64 26.88
N ILE B 254 -32.03 -3.90 25.80
CA ILE B 254 -32.73 -2.61 25.83
C ILE B 254 -33.86 -2.66 24.81
N PRO B 255 -35.00 -3.23 25.18
CA PRO B 255 -36.07 -3.51 24.20
C PRO B 255 -36.50 -2.28 23.41
N GLY B 256 -36.49 -2.43 22.07
CA GLY B 256 -37.10 -1.50 21.14
C GLY B 256 -36.29 -0.26 20.81
N GLU B 257 -35.19 0.00 21.50
CA GLU B 257 -34.45 1.24 21.34
C GLU B 257 -33.30 1.07 20.37
N LYS B 258 -33.19 1.97 19.43
CA LYS B 258 -32.13 1.96 18.46
C LYS B 258 -31.01 2.67 19.10
N GLN B 259 -29.88 2.03 19.22
CA GLN B 259 -28.70 2.60 19.83
C GLN B 259 -27.66 2.95 18.77
N PHE B 260 -26.93 4.05 19.01
CA PHE B 260 -25.95 4.58 18.06
C PHE B 260 -24.55 4.14 18.47
N ALA B 261 -23.82 3.55 17.53
CA ALA B 261 -22.47 3.08 17.78
C ALA B 261 -21.58 4.21 18.27
N TYR B 262 -20.58 3.85 19.08
CA TYR B 262 -19.53 4.78 19.51
C TYR B 262 -18.33 4.57 18.62
N GLN B 263 -17.82 5.65 18.02
CA GLN B 263 -16.85 5.58 16.95
C GLN B 263 -15.55 6.31 17.26
N ASN B 264 -14.45 5.76 16.73
CA ASN B 264 -13.14 6.41 16.69
C ASN B 264 -12.68 6.45 15.25
N SER B 265 -11.76 7.39 14.97
CA SER B 265 -10.93 7.37 13.78
C SER B 265 -9.56 7.93 14.15
N TRP B 266 -8.53 7.42 13.45
CA TRP B 266 -7.15 7.74 13.81
C TRP B 266 -6.25 7.62 12.57
N GLY B 267 -5.24 8.49 12.52
CA GLY B 267 -4.41 8.59 11.33
C GLY B 267 -2.99 8.98 11.66
N LEU B 268 -2.09 8.54 10.79
CA LEU B 268 -0.64 8.79 10.81
C LEU B 268 -0.18 8.85 9.35
N THR B 269 0.70 9.80 9.03
CA THR B 269 1.07 10.06 7.64
C THR B 269 2.59 10.07 7.48
N THR B 270 3.03 10.28 6.25
CA THR B 270 4.45 10.36 5.96
C THR B 270 5.08 11.63 6.49
N ARG B 271 4.30 12.51 7.13
CA ARG B 271 4.87 13.63 7.88
C ARG B 271 5.95 13.14 8.84
N THR B 272 5.77 11.93 9.40
CA THR B 272 6.81 11.27 10.20
C THR B 272 8.21 11.50 9.63
N ILE B 273 8.38 11.21 8.32
CA ILE B 273 9.71 11.30 7.73
C ILE B 273 10.23 12.73 7.80
N GLY B 274 9.41 13.71 7.42
CA GLY B 274 9.85 15.09 7.52
C GLY B 274 10.28 15.43 8.93
N VAL B 275 9.52 14.96 9.92
CA VAL B 275 9.90 15.29 11.28
C VAL B 275 11.24 14.66 11.61
N MET B 276 11.40 13.39 11.24
CA MET B 276 12.71 12.75 11.40
C MET B 276 13.80 13.60 10.77
N THR B 277 13.54 14.07 9.54
CA THR B 277 14.52 14.89 8.86
C THR B 277 14.80 16.16 9.64
N MET B 278 13.74 16.85 10.07
CA MET B 278 13.95 18.12 10.74
C MET B 278 14.60 17.92 12.10
N VAL B 279 14.42 16.75 12.72
CA VAL B 279 14.94 16.61 14.08
C VAL B 279 16.39 16.17 14.06
N HIS B 280 16.71 15.11 13.31
CA HIS B 280 18.04 14.50 13.40
C HIS B 280 19.02 14.97 12.33
N GLY B 281 18.55 15.49 11.19
CA GLY B 281 19.47 15.90 10.16
C GLY B 281 20.51 16.91 10.64
N ASP B 282 21.68 16.95 9.99
CA ASP B 282 22.69 17.95 10.31
C ASP B 282 23.27 18.57 9.04
N ASN B 283 24.37 19.31 9.15
CA ASN B 283 24.89 19.99 7.97
C ASN B 283 25.64 19.06 7.01
N MET B 284 25.80 17.78 7.35
CA MET B 284 26.32 16.76 6.43
C MET B 284 25.21 15.96 5.73
N GLY B 285 23.96 16.14 6.12
CA GLY B 285 22.89 15.48 5.40
C GLY B 285 21.89 14.85 6.33
N LEU B 286 21.18 13.84 5.84
CA LEU B 286 20.17 13.14 6.62
C LEU B 286 20.86 12.27 7.66
N VAL B 287 20.14 11.93 8.73
CA VAL B 287 20.61 11.02 9.77
C VAL B 287 19.48 10.04 10.07
N LEU B 288 19.69 8.77 9.74
CA LEU B 288 18.64 7.76 9.89
C LEU B 288 18.79 7.11 11.26
N PRO B 289 17.76 7.09 12.09
CA PRO B 289 17.79 6.23 13.28
C PRO B 289 17.97 4.78 12.88
N PRO B 290 18.85 4.04 13.55
CA PRO B 290 19.10 2.65 13.15
C PRO B 290 17.83 1.81 13.01
N ARG B 291 16.83 2.05 13.86
CA ARG B 291 15.66 1.18 13.88
C ARG B 291 14.81 1.31 12.61
N VAL B 292 14.88 2.43 11.88
CA VAL B 292 14.15 2.53 10.62
C VAL B 292 15.06 2.49 9.41
N ALA B 293 16.38 2.40 9.59
CA ALA B 293 17.32 2.55 8.49
C ALA B 293 17.26 1.36 7.52
N CYS B 294 16.88 1.67 6.27
CA CYS B 294 16.98 0.74 5.13
C CYS B 294 18.30 -0.01 5.14
N VAL B 295 19.40 0.72 5.29
CA VAL B 295 20.74 0.17 5.43
C VAL B 295 21.29 0.69 6.74
N GLN B 296 21.66 -0.23 7.64
CA GLN B 296 22.26 0.21 8.90
C GLN B 296 23.78 0.33 8.79
N VAL B 297 24.39 -0.44 7.91
CA VAL B 297 25.84 -0.58 7.83
C VAL B 297 26.18 -0.70 6.36
N VAL B 298 26.97 0.22 5.83
CA VAL B 298 27.46 0.14 4.46
C VAL B 298 28.94 -0.17 4.49
N ILE B 299 29.33 -1.20 3.74
CA ILE B 299 30.71 -1.67 3.69
C ILE B 299 31.36 -1.08 2.46
N ILE B 300 32.49 -0.40 2.63
CA ILE B 300 33.18 0.24 1.52
C ILE B 300 34.64 -0.16 1.54
N PRO B 301 35.15 -0.78 0.49
CA PRO B 301 36.60 -1.05 0.40
C PRO B 301 37.34 0.22 0.02
N CYS B 302 38.46 0.45 0.67
CA CYS B 302 39.25 1.64 0.41
C CYS B 302 40.63 1.26 -0.13
N GLY B 303 41.14 2.08 -1.05
CA GLY B 303 42.51 1.95 -1.48
C GLY B 303 42.79 0.83 -2.45
N ILE B 304 41.78 0.30 -3.13
CA ILE B 304 42.01 -0.60 -4.25
C ILE B 304 42.46 0.25 -5.43
N THR B 305 43.73 0.10 -5.84
CA THR B 305 44.36 1.00 -6.79
C THR B 305 45.11 0.22 -7.86
N ASN B 306 45.60 0.95 -8.85
CA ASN B 306 46.34 0.42 -9.97
C ASN B 306 47.61 -0.30 -9.51
N SER B 309 48.06 -5.53 -6.39
CA SER B 309 48.09 -6.86 -7.01
C SER B 309 46.68 -7.43 -7.09
N GLU B 310 46.38 -8.06 -8.24
CA GLU B 310 45.03 -8.60 -8.46
C GLU B 310 44.62 -9.54 -7.34
N GLU B 311 45.56 -10.35 -6.83
CA GLU B 311 45.26 -11.27 -5.75
C GLU B 311 44.80 -10.52 -4.49
N ASP B 312 45.50 -9.44 -4.13
CA ASP B 312 45.18 -8.73 -2.89
C ASP B 312 43.88 -7.91 -3.02
N LYS B 313 43.62 -7.33 -4.19
CA LYS B 313 42.31 -6.71 -4.43
C LYS B 313 41.18 -7.73 -4.29
N GLU B 314 41.35 -8.90 -4.93
CA GLU B 314 40.36 -9.97 -4.84
C GLU B 314 40.11 -10.38 -3.38
N ALA B 315 41.19 -10.51 -2.59
CA ALA B 315 41.03 -10.88 -1.18
C ALA B 315 40.33 -9.79 -0.39
N LEU B 316 40.61 -8.52 -0.71
CA LEU B 316 39.86 -7.42 -0.11
C LEU B 316 38.36 -7.58 -0.35
N ILE B 317 37.98 -7.91 -1.59
CA ILE B 317 36.58 -8.15 -1.92
C ILE B 317 36.02 -9.27 -1.05
N ALA B 318 36.73 -10.38 -0.98
CA ALA B 318 36.27 -11.51 -0.18
C ALA B 318 36.05 -11.11 1.28
N LYS B 319 36.95 -10.28 1.83
CA LYS B 319 36.82 -9.90 3.23
C LYS B 319 35.62 -8.98 3.46
N CYS B 320 35.35 -8.10 2.48
CA CYS B 320 34.13 -7.30 2.56
C CYS B 320 32.89 -8.20 2.57
N ASN B 321 32.84 -9.16 1.65
CA ASN B 321 31.70 -10.08 1.63
C ASN B 321 31.60 -10.89 2.91
N ASP B 322 32.75 -11.15 3.55
CA ASP B 322 32.74 -11.86 4.83
C ASP B 322 32.06 -11.03 5.92
N TYR B 323 32.43 -9.75 6.01
CA TYR B 323 31.72 -8.85 6.92
C TYR B 323 30.23 -8.81 6.59
N ARG B 324 29.89 -8.81 5.30
CA ARG B 324 28.50 -8.81 4.88
C ARG B 324 27.75 -10.02 5.45
N ARG B 325 28.26 -11.22 5.15
CA ARG B 325 27.66 -12.46 5.66
C ARG B 325 27.53 -12.42 7.17
N ARG B 326 28.52 -11.99 7.87
CA ARG B 326 28.43 -12.01 9.31
C ARG B 326 27.44 -11.08 9.89
N LEU B 327 27.31 -9.92 9.29
CA LEU B 327 26.33 -8.98 9.82
C LEU B 327 24.91 -9.37 9.42
N LEU B 328 24.73 -10.01 8.26
CA LEU B 328 23.43 -10.60 7.99
C LEU B 328 23.07 -11.62 9.05
N SER B 329 24.03 -12.49 9.40
CA SER B 329 23.80 -13.54 10.40
C SER B 329 23.18 -13.02 11.69
N VAL B 330 23.34 -11.75 11.94
CA VAL B 330 22.93 -11.17 13.17
C VAL B 330 21.84 -10.12 13.07
N ASN B 331 21.06 -10.18 11.99
CA ASN B 331 19.90 -9.33 11.73
C ASN B 331 20.28 -7.85 11.61
N ILE B 332 21.48 -7.58 11.12
CA ILE B 332 21.89 -6.23 10.77
C ILE B 332 21.67 -6.04 9.29
N ARG B 333 21.00 -4.95 8.91
CA ARG B 333 20.67 -4.69 7.51
C ARG B 333 21.89 -4.05 6.86
N VAL B 334 22.75 -4.90 6.30
CA VAL B 334 24.05 -4.50 5.80
C VAL B 334 24.02 -4.55 4.29
N ARG B 335 24.69 -3.59 3.65
CA ARG B 335 24.86 -3.56 2.21
C ARG B 335 26.34 -3.27 1.93
N ALA B 336 26.94 -4.05 1.05
CA ALA B 336 28.31 -3.83 0.64
C ALA B 336 28.28 -3.09 -0.69
N ASP B 337 28.92 -1.91 -0.74
CA ASP B 337 28.97 -1.09 -1.95
C ASP B 337 30.31 -1.37 -2.64
N LEU B 338 30.29 -2.38 -3.50
CA LEU B 338 31.51 -2.88 -4.13
C LEU B 338 31.69 -2.34 -5.54
N ARG B 339 30.89 -1.37 -5.96
CA ARG B 339 30.96 -0.86 -7.32
C ARG B 339 32.35 -0.32 -7.65
N ASP B 340 32.80 -0.60 -8.87
CA ASP B 340 34.09 -0.20 -9.38
C ASP B 340 34.08 1.16 -10.07
N ASN B 341 32.91 1.59 -10.54
CA ASN B 341 32.75 2.81 -11.32
C ASN B 341 32.53 4.04 -10.45
N TYR B 342 32.61 3.90 -9.12
CA TYR B 342 32.54 5.03 -8.20
C TYR B 342 33.72 4.96 -7.25
N SER B 343 34.38 6.10 -7.02
CA SER B 343 35.53 6.11 -6.14
C SER B 343 35.09 5.97 -4.69
N PRO B 344 36.03 5.67 -3.77
CA PRO B 344 35.63 5.58 -2.35
C PRO B 344 35.09 6.87 -1.76
N GLY B 345 35.63 8.02 -2.17
CA GLY B 345 35.16 9.28 -1.61
C GLY B 345 33.75 9.60 -2.06
N TRP B 346 33.44 9.32 -3.32
CA TRP B 346 32.06 9.42 -3.77
C TRP B 346 31.13 8.62 -2.87
N LYS B 347 31.53 7.38 -2.50
CA LYS B 347 30.65 6.55 -1.68
C LYS B 347 30.53 7.07 -0.26
N PHE B 348 31.65 7.47 0.35
CA PHE B 348 31.60 8.08 1.67
C PHE B 348 30.56 9.19 1.69
N ASN B 349 30.70 10.13 0.76
CA ASN B 349 29.76 11.25 0.71
C ASN B 349 28.34 10.78 0.42
N HIS B 350 28.18 9.86 -0.52
CA HIS B 350 26.85 9.40 -0.93
C HIS B 350 26.09 8.80 0.24
N TRP B 351 26.75 7.94 1.01
CA TRP B 351 26.03 7.28 2.09
C TRP B 351 25.94 8.15 3.34
N GLU B 352 26.83 9.16 3.49
CA GLU B 352 26.62 10.12 4.57
C GLU B 352 25.39 10.98 4.29
N LEU B 353 25.25 11.46 3.05
CA LEU B 353 24.07 12.24 2.67
C LEU B 353 22.78 11.47 2.95
N LYS B 354 22.79 10.17 2.67
CA LYS B 354 21.64 9.31 2.89
C LYS B 354 21.46 8.90 4.35
N GLY B 355 22.40 9.24 5.23
CA GLY B 355 22.22 9.02 6.66
C GLY B 355 22.44 7.61 7.17
N VAL B 356 23.24 6.80 6.50
CA VAL B 356 23.46 5.41 6.90
C VAL B 356 24.18 5.43 8.23
N PRO B 357 23.63 4.79 9.27
CA PRO B 357 24.22 4.91 10.61
C PRO B 357 25.70 4.62 10.70
N ILE B 358 26.16 3.53 10.09
CA ILE B 358 27.55 3.14 10.22
C ILE B 358 28.16 2.93 8.84
N ARG B 359 29.31 3.55 8.61
CA ARG B 359 30.19 3.21 7.51
C ARG B 359 31.28 2.26 8.02
N LEU B 360 31.47 1.15 7.33
CA LEU B 360 32.50 0.17 7.66
C LEU B 360 33.53 0.19 6.54
N GLU B 361 34.73 0.67 6.84
CA GLU B 361 35.78 0.84 5.84
C GLU B 361 36.76 -0.32 5.93
N VAL B 362 37.11 -0.88 4.78
CA VAL B 362 38.04 -2.01 4.74
C VAL B 362 39.18 -1.62 3.80
N GLY B 363 40.37 -1.42 4.38
CA GLY B 363 41.55 -1.18 3.59
C GLY B 363 42.48 -2.37 3.61
N PRO B 364 43.46 -2.39 2.69
CA PRO B 364 44.36 -3.56 2.61
C PRO B 364 45.24 -3.71 3.85
N ARG B 365 45.75 -2.61 4.40
CA ARG B 365 46.57 -2.72 5.60
C ARG B 365 45.75 -3.21 6.79
N ASP B 366 44.53 -2.71 6.95
CA ASP B 366 43.67 -3.18 8.02
C ASP B 366 43.20 -4.61 7.78
N MET B 367 42.97 -4.98 6.51
CA MET B 367 42.61 -6.36 6.20
C MET B 367 43.73 -7.32 6.58
N LYS B 368 44.98 -6.97 6.26
CA LYS B 368 46.10 -7.84 6.63
C LYS B 368 46.43 -7.76 8.11
N SER B 369 45.96 -6.74 8.82
CA SER B 369 46.16 -6.66 10.26
C SER B 369 44.91 -7.07 11.06
N CYS B 370 43.90 -7.65 10.40
CA CYS B 370 42.71 -8.21 11.05
C CYS B 370 41.94 -7.17 11.87
N GLN B 371 41.61 -6.06 11.21
CA GLN B 371 40.78 -5.03 11.83
C GLN B 371 40.00 -4.30 10.74
N PHE B 372 39.15 -3.38 11.17
CA PHE B 372 38.44 -2.52 10.26
C PHE B 372 38.18 -1.21 10.98
N VAL B 373 37.60 -0.26 10.25
CA VAL B 373 37.22 1.02 10.81
C VAL B 373 35.73 1.20 10.66
N ALA B 374 35.05 1.57 11.74
CA ALA B 374 33.65 1.95 11.73
C ALA B 374 33.54 3.45 11.97
N VAL B 375 32.68 4.11 11.21
CA VAL B 375 32.40 5.54 11.38
C VAL B 375 30.93 5.73 11.67
N ARG B 376 30.62 6.27 12.86
CA ARG B 376 29.24 6.51 13.26
C ARG B 376 28.73 7.77 12.59
N ARG B 377 27.53 7.71 12.03
CA ARG B 377 27.01 8.85 11.29
C ARG B 377 26.63 10.00 12.23
N ASP B 378 26.14 9.67 13.43
CA ASP B 378 25.59 10.70 14.32
C ASP B 378 26.69 11.63 14.86
N THR B 379 27.85 11.09 15.21
CA THR B 379 28.92 11.89 15.77
C THR B 379 30.14 11.96 14.89
N GLY B 380 30.24 11.13 13.85
CA GLY B 380 31.43 11.10 13.04
C GLY B 380 32.64 10.45 13.67
N GLU B 381 32.56 9.97 14.91
CA GLU B 381 33.76 9.39 15.50
C GLU B 381 34.12 8.08 14.78
N LYS B 382 35.41 7.89 14.53
CA LYS B 382 35.94 6.68 13.92
C LYS B 382 36.47 5.74 15.00
N LEU B 383 36.44 4.46 14.69
CA LEU B 383 36.82 3.41 15.64
C LEU B 383 37.54 2.32 14.87
N THR B 384 38.79 2.05 15.21
CA THR B 384 39.41 0.81 14.76
C THR B 384 38.91 -0.34 15.63
N VAL B 385 38.43 -1.40 14.99
CA VAL B 385 37.73 -2.48 15.67
C VAL B 385 38.36 -3.81 15.28
N ALA B 386 38.67 -4.63 16.28
CA ALA B 386 39.10 -6.00 16.03
C ALA B 386 38.05 -6.72 15.18
N GLU B 387 38.52 -7.47 14.18
CA GLU B 387 37.62 -8.06 13.20
C GLU B 387 36.66 -9.07 13.84
N ASN B 388 37.12 -9.77 14.84
CA ASN B 388 36.34 -10.78 15.50
C ASN B 388 35.17 -10.22 16.21
N GLU B 389 35.32 -9.04 16.74
CA GLU B 389 34.23 -8.34 17.41
C GLU B 389 33.25 -7.66 16.47
N ALA B 390 33.44 -7.81 15.15
CA ALA B 390 32.57 -7.16 14.17
C ALA B 390 31.10 -7.27 14.55
N GLU B 391 30.60 -8.49 14.62
CA GLU B 391 29.18 -8.72 14.88
C GLU B 391 28.72 -8.08 16.19
N THR B 392 29.57 -8.10 17.22
CA THR B 392 29.07 -7.68 18.53
C THR B 392 29.25 -6.19 18.79
N LYS B 393 30.34 -5.58 18.32
CA LYS B 393 30.52 -4.16 18.60
C LYS B 393 29.58 -3.31 17.75
N LEU B 394 29.36 -3.71 16.50
CA LEU B 394 28.51 -2.95 15.60
C LEU B 394 27.09 -2.88 16.14
N GLN B 395 26.52 -4.03 16.48
CA GLN B 395 25.30 -4.06 17.28
C GLN B 395 25.34 -3.01 18.39
N ALA B 396 26.36 -3.07 19.25
CA ALA B 396 26.49 -2.09 20.32
C ALA B 396 26.44 -0.66 19.76
N ILE B 397 27.27 -0.36 18.77
CA ILE B 397 27.30 0.99 18.22
C ILE B 397 25.91 1.39 17.76
N LEU B 398 25.23 0.50 17.04
CA LEU B 398 23.91 0.83 16.51
C LEU B 398 22.97 1.20 17.66
N GLU B 399 22.95 0.39 18.72
CA GLU B 399 22.07 0.70 19.84
C GLU B 399 22.44 2.05 20.44
N ASP B 400 23.74 2.30 20.60
CA ASP B 400 24.16 3.59 21.14
C ASP B 400 23.68 4.73 20.25
N ILE B 401 23.77 4.56 18.92
CA ILE B 401 23.31 5.61 18.02
C ILE B 401 21.85 5.93 18.29
N GLN B 402 21.02 4.88 18.35
CA GLN B 402 19.59 5.11 18.51
C GLN B 402 19.32 5.86 19.80
N VAL B 403 20.12 5.57 20.84
CA VAL B 403 19.89 6.23 22.12
C VAL B 403 20.34 7.67 22.04
N THR B 404 21.51 7.89 21.44
CA THR B 404 22.07 9.24 21.36
C THR B 404 21.09 10.17 20.65
N LEU B 405 20.59 9.72 19.49
CA LEU B 405 19.61 10.52 18.75
C LEU B 405 18.43 10.90 19.63
N PHE B 406 17.91 9.93 20.39
CA PHE B 406 16.80 10.22 21.28
C PHE B 406 17.24 11.18 22.36
N THR B 407 18.35 10.86 23.03
CA THR B 407 18.81 11.69 24.14
C THR B 407 18.97 13.15 23.71
N ARG B 408 19.72 13.40 22.64
CA ARG B 408 19.89 14.77 22.18
C ARG B 408 18.55 15.41 21.90
N ALA B 409 17.69 14.70 21.16
CA ALA B 409 16.39 15.30 20.83
C ALA B 409 15.61 15.59 22.11
N SER B 410 15.68 14.68 23.08
CA SER B 410 14.94 14.86 24.32
C SER B 410 15.43 16.10 25.05
N GLU B 411 16.74 16.25 25.16
CA GLU B 411 17.18 17.40 25.94
C GLU B 411 16.78 18.66 25.22
N ASP B 412 16.78 18.63 23.88
CA ASP B 412 16.28 19.77 23.12
C ASP B 412 14.87 20.13 23.58
N LEU B 413 13.97 19.13 23.54
CA LEU B 413 12.58 19.39 23.94
C LEU B 413 12.54 19.90 25.36
N LYS B 414 13.33 19.28 26.24
CA LYS B 414 13.31 19.63 27.66
C LYS B 414 13.75 21.07 27.89
N THR B 415 14.68 21.57 27.09
CA THR B 415 15.12 22.94 27.34
C THR B 415 14.30 23.96 26.56
N HIS B 416 13.42 23.52 25.67
CA HIS B 416 12.64 24.46 24.89
C HIS B 416 11.16 24.46 25.24
N MET B 417 10.75 23.64 26.20
CA MET B 417 9.37 23.64 26.69
C MET B 417 9.40 24.12 28.14
N VAL B 418 8.83 25.29 28.39
CA VAL B 418 8.83 25.85 29.73
C VAL B 418 7.42 26.35 30.05
N VAL B 419 7.24 26.75 31.31
CA VAL B 419 5.95 27.19 31.82
C VAL B 419 5.99 28.69 32.02
N ALA B 420 4.85 29.34 31.78
CA ALA B 420 4.65 30.76 32.09
C ALA B 420 3.21 30.95 32.50
N ASN B 421 2.94 31.99 33.31
CA ASN B 421 1.59 32.25 33.76
C ASN B 421 1.08 33.65 33.44
N THR B 422 1.86 34.46 32.75
CA THR B 422 1.45 35.81 32.36
C THR B 422 1.76 36.00 30.89
N MET B 423 0.98 36.87 30.26
CA MET B 423 1.11 37.06 28.83
C MET B 423 2.47 37.64 28.45
N GLU B 424 3.08 38.43 29.35
CA GLU B 424 4.38 39.04 29.04
C GLU B 424 5.50 38.00 29.06
N ASP B 425 5.55 37.18 30.12
CA ASP B 425 6.48 36.05 30.14
C ASP B 425 6.28 35.15 28.93
N PHE B 426 5.00 34.86 28.65
CA PHE B 426 4.63 34.04 27.50
C PHE B 426 5.24 34.60 26.22
N GLN B 427 5.08 35.90 25.99
CA GLN B 427 5.56 36.51 24.74
C GLN B 427 7.07 36.46 24.66
N LYS B 428 7.77 36.80 25.76
CA LYS B 428 9.22 36.74 25.77
C LYS B 428 9.70 35.33 25.43
N ILE B 429 9.16 34.33 26.12
CA ILE B 429 9.58 32.94 25.91
C ILE B 429 9.27 32.50 24.49
N LEU B 430 8.13 32.91 23.96
CA LEU B 430 7.75 32.48 22.62
C LEU B 430 8.66 33.11 21.58
N ASP B 431 9.09 34.35 21.80
CA ASP B 431 10.06 34.95 20.89
C ASP B 431 11.46 34.39 21.09
N SER B 432 11.69 33.68 22.19
CA SER B 432 12.95 32.95 22.40
C SER B 432 13.15 31.79 21.44
N GLY B 433 12.12 31.39 20.69
CA GLY B 433 12.17 30.16 19.93
C GLY B 433 11.70 28.94 20.69
N LYS B 434 10.80 29.11 21.65
CA LYS B 434 10.38 28.05 22.56
C LYS B 434 8.88 27.82 22.45
N ILE B 435 8.42 26.75 23.10
CA ILE B 435 7.00 26.49 23.26
C ILE B 435 6.68 26.53 24.76
N VAL B 436 5.41 26.79 25.08
CA VAL B 436 5.04 27.25 26.43
C VAL B 436 3.80 26.53 26.92
N GLN B 437 3.85 26.03 28.16
CA GLN B 437 2.65 25.60 28.87
C GLN B 437 2.12 26.77 29.69
N ILE B 438 0.88 27.17 29.42
CA ILE B 438 0.25 28.27 30.15
C ILE B 438 -1.06 27.81 30.75
N PRO B 439 -1.50 28.39 31.86
CA PRO B 439 -2.86 28.14 32.32
C PRO B 439 -3.84 28.75 31.31
N PHE B 440 -4.79 27.95 30.87
CA PHE B 440 -5.66 28.35 29.76
C PHE B 440 -7.11 28.08 30.13
N CYS B 441 -7.98 29.03 29.80
CA CYS B 441 -9.41 28.86 30.06
C CYS B 441 -10.10 27.93 29.06
N GLY B 442 -9.52 27.71 27.89
CA GLY B 442 -10.06 26.77 26.92
C GLY B 442 -11.00 27.36 25.88
N GLU B 443 -11.47 28.59 26.09
CA GLU B 443 -12.44 29.20 25.18
C GLU B 443 -11.83 29.48 23.82
N ILE B 444 -12.67 29.35 22.79
CA ILE B 444 -12.22 29.60 21.41
C ILE B 444 -11.81 31.06 21.23
N ASP B 445 -12.61 31.98 21.77
CA ASP B 445 -12.30 33.40 21.61
C ASP B 445 -10.96 33.76 22.24
N CYS B 446 -10.67 33.19 23.42
CA CYS B 446 -9.36 33.41 24.04
C CYS B 446 -8.23 32.85 23.19
N GLU B 447 -8.41 31.67 22.60
CA GLU B 447 -7.35 31.13 21.75
C GLU B 447 -7.11 32.03 20.53
N ASP B 448 -8.19 32.54 19.92
CA ASP B 448 -8.07 33.52 18.84
C ASP B 448 -7.31 34.76 19.28
N TRP B 449 -7.60 35.25 20.48
CA TRP B 449 -6.94 36.45 20.98
C TRP B 449 -5.47 36.20 21.24
N ILE B 450 -5.12 35.06 21.84
CA ILE B 450 -3.72 34.69 22.02
C ILE B 450 -3.00 34.67 20.67
N LYS B 451 -3.64 34.08 19.64
CA LYS B 451 -2.94 34.02 18.35
C LYS B 451 -2.79 35.39 17.71
N LYS B 452 -3.76 36.28 17.88
CA LYS B 452 -3.61 37.62 17.33
C LYS B 452 -2.54 38.40 18.08
N THR B 453 -2.54 38.30 19.41
CA THR B 453 -1.65 39.10 20.24
C THR B 453 -0.20 38.65 20.13
N THR B 454 0.04 37.37 20.00
CA THR B 454 1.38 36.91 19.95
C THR B 454 2.04 37.19 18.63
N ALA B 455 1.23 37.36 17.62
CA ALA B 455 1.68 37.63 16.28
C ALA B 455 2.37 38.98 16.19
N ARG B 456 1.77 39.98 16.82
CA ARG B 456 2.32 41.33 16.98
C ARG B 456 1.51 42.15 17.96
N ASP B 457 1.81 42.16 19.24
CA ASP B 457 1.05 43.02 20.23
C ASP B 457 1.71 43.07 21.57
N MET B 467 4.67 34.27 13.06
CA MET B 467 3.23 34.14 13.08
C MET B 467 2.78 34.03 14.53
N GLY B 468 1.46 33.97 14.73
CA GLY B 468 0.94 33.82 16.08
C GLY B 468 1.16 32.42 16.64
N ALA B 469 1.16 32.34 17.96
CA ALA B 469 1.22 31.05 18.63
C ALA B 469 -0.14 30.39 18.62
N LYS B 470 -0.14 29.09 18.32
CA LYS B 470 -1.33 28.25 18.33
C LYS B 470 -1.27 27.28 19.50
N SER B 471 -2.45 26.89 19.99
CA SER B 471 -2.48 25.78 20.94
C SER B 471 -1.96 24.52 20.27
N LEU B 472 -1.13 23.76 20.98
CA LEU B 472 -0.66 22.51 20.41
C LEU B 472 -1.43 21.35 21.01
N CYS B 473 -1.30 21.12 22.32
CA CYS B 473 -2.14 20.16 23.00
C CYS B 473 -2.28 20.54 24.47
N ILE B 474 -3.26 19.92 25.12
CA ILE B 474 -3.41 19.99 26.57
C ILE B 474 -2.73 18.74 27.11
N PRO B 475 -1.54 18.86 27.70
CA PRO B 475 -0.77 17.67 28.03
C PRO B 475 -1.49 16.78 29.03
N PHE B 476 -1.40 15.47 28.80
CA PHE B 476 -1.81 14.51 29.81
C PHE B 476 -0.98 14.66 31.07
N LYS B 477 0.30 15.00 30.92
CA LYS B 477 1.23 15.13 32.04
C LYS B 477 1.92 16.48 31.95
N PRO B 478 1.27 17.54 32.43
CA PRO B 478 1.87 18.88 32.35
C PRO B 478 3.08 18.99 33.24
N LEU B 479 3.91 20.01 32.96
CA LEU B 479 5.09 20.24 33.76
C LEU B 479 4.75 20.61 35.20
N CYS B 480 3.66 21.34 35.42
CA CYS B 480 3.22 21.70 36.77
C CYS B 480 1.77 21.31 37.01
N GLU B 481 1.45 21.14 38.29
CA GLU B 481 0.06 21.01 38.70
C GLU B 481 -0.57 22.39 38.75
N LEU B 482 -1.70 22.55 38.05
CA LEU B 482 -2.43 23.81 38.07
C LEU B 482 -3.00 24.08 39.45
N GLN B 483 -2.81 25.31 39.94
CA GLN B 483 -3.33 25.69 41.24
C GLN B 483 -4.85 25.83 41.20
N PRO B 484 -5.55 25.37 42.25
CA PRO B 484 -6.98 25.69 42.37
C PRO B 484 -7.20 27.19 42.41
N GLY B 485 -8.07 27.67 41.53
CA GLY B 485 -8.36 29.09 41.41
C GLY B 485 -7.44 29.87 40.50
N ALA B 486 -6.55 29.19 39.77
CA ALA B 486 -5.67 29.89 38.84
C ALA B 486 -6.46 30.50 37.70
N LYS B 487 -6.14 31.73 37.35
CA LYS B 487 -6.80 32.37 36.23
C LYS B 487 -6.04 32.08 34.94
N CYS B 488 -6.79 31.93 33.85
CA CYS B 488 -6.20 31.88 32.52
C CYS B 488 -5.27 33.08 32.31
N VAL B 489 -4.34 33.00 31.36
CA VAL B 489 -3.56 34.19 31.07
C VAL B 489 -4.43 35.31 30.51
N CYS B 490 -5.65 34.99 30.06
CA CYS B 490 -6.56 36.05 29.66
C CYS B 490 -7.02 36.90 30.86
N GLY B 491 -6.94 36.36 32.08
CA GLY B 491 -7.37 37.07 33.27
C GLY B 491 -8.87 37.14 33.51
N LYS B 492 -9.68 36.95 32.46
CA LYS B 492 -11.13 37.05 32.53
C LYS B 492 -11.76 35.84 33.20
N ASN B 493 -11.31 34.64 32.85
CA ASN B 493 -11.94 33.38 33.23
C ASN B 493 -10.96 32.49 33.99
N PRO B 494 -11.46 31.58 34.82
CA PRO B 494 -10.56 30.66 35.51
C PRO B 494 -9.96 29.68 34.52
N ALA B 495 -8.73 29.26 34.79
CA ALA B 495 -8.07 28.31 33.90
C ALA B 495 -8.69 26.93 34.04
N LYS B 496 -8.79 26.20 32.94
CA LYS B 496 -9.24 24.83 33.08
C LYS B 496 -8.06 23.87 33.21
N TYR B 497 -6.96 24.15 32.52
CA TYR B 497 -5.86 23.21 32.42
C TYR B 497 -4.64 23.94 31.88
N TYR B 498 -3.48 23.37 32.15
CA TYR B 498 -2.27 23.80 31.47
C TYR B 498 -2.32 23.36 30.01
N THR B 499 -1.99 24.29 29.11
CA THR B 499 -2.09 24.07 27.67
C THR B 499 -0.78 24.47 27.01
N LEU B 500 -0.28 23.60 26.15
CA LEU B 500 0.94 23.88 25.43
C LEU B 500 0.62 24.72 24.19
N PHE B 501 1.30 25.86 24.07
CA PHE B 501 1.15 26.75 22.93
C PHE B 501 2.48 26.94 22.23
N GLY B 502 2.44 27.18 20.93
CA GLY B 502 3.68 27.46 20.22
C GLY B 502 3.42 27.86 18.78
N ARG B 503 4.46 28.40 18.16
CA ARG B 503 4.43 28.54 16.71
C ARG B 503 4.45 27.14 16.08
N SER B 504 3.65 26.95 15.04
CA SER B 504 3.35 25.59 14.62
C SER B 504 3.21 25.51 13.10
N TYR B 505 3.41 24.29 12.59
CA TYR B 505 3.19 23.97 11.18
C TYR B 505 1.70 23.78 10.91
#